data_6IS1
#
_entry.id   6IS1
#
_cell.length_a   61.112
_cell.length_b   61.742
_cell.length_c   66.063
_cell.angle_alpha   90.36
_cell.angle_beta   105.45
_cell.angle_gamma   92.01
#
_symmetry.space_group_name_H-M   'P 1'
#
loop_
_entity.id
_entity.type
_entity.pdbx_description
1 polymer 'Response regulator ArlR'
2 non-polymer 'BERYLLIUM TRIFLUORIDE ION'
3 non-polymer 'MAGNESIUM ION'
4 non-polymer IMIDAZOLE
5 water water
#
_entity_poly.entity_id   1
_entity_poly.type   'polypeptide(L)'
_entity_poly.pdbx_seq_one_letter_code
;MGHHHHHHTQILIVEDEQNLARFLELELTHENYNVDTEYDGQDGLDKALSHYYDLIILDLMLPSINGLEICRKIRQQQST
PIIIITAKSDTYDKVAGLDYGADDYIVKPFDIEELLARIRAILRRQPQ
;
_entity_poly.pdbx_strand_id   A,C,B,D,E,F,G,H
#
# COMPACT_ATOMS: atom_id res chain seq x y z
N HIS A 7 -6.01 -5.15 -6.77
CA HIS A 7 -4.88 -4.68 -7.65
C HIS A 7 -5.41 -3.93 -8.87
N HIS A 8 -5.70 -2.65 -8.71
CA HIS A 8 -6.18 -1.81 -9.80
C HIS A 8 -5.07 -0.89 -10.27
N THR A 9 -5.01 -0.66 -11.58
CA THR A 9 -4.12 0.34 -12.14
C THR A 9 -4.60 1.72 -11.72
N GLN A 10 -3.70 2.55 -11.21
CA GLN A 10 -4.04 3.83 -10.61
C GLN A 10 -3.57 4.98 -11.51
N ILE A 11 -4.49 5.90 -11.84
CA ILE A 11 -4.21 7.02 -12.74
C ILE A 11 -4.55 8.31 -12.02
N LEU A 12 -3.68 9.31 -12.15
CA LEU A 12 -3.95 10.67 -11.71
C LEU A 12 -4.13 11.58 -12.92
N ILE A 13 -5.19 12.37 -12.93
CA ILE A 13 -5.41 13.35 -13.97
C ILE A 13 -5.33 14.75 -13.34
N VAL A 14 -4.49 15.61 -13.90
CA VAL A 14 -4.39 17.00 -13.47
C VAL A 14 -4.87 17.85 -14.64
N GLU A 15 -6.06 18.43 -14.47
CA GLU A 15 -6.80 19.05 -15.56
C GLU A 15 -7.77 20.04 -14.97
N ASP A 16 -7.75 21.28 -15.47
CA ASP A 16 -8.57 22.32 -14.84
C ASP A 16 -9.89 22.54 -15.57
N GLU A 17 -10.08 21.98 -16.75
CA GLU A 17 -11.38 22.05 -17.42
C GLU A 17 -12.20 20.89 -16.87
N GLN A 18 -13.13 21.20 -15.96
CA GLN A 18 -13.75 20.17 -15.15
C GLN A 18 -14.66 19.26 -15.96
N ASN A 19 -15.21 19.73 -17.10
CA ASN A 19 -16.01 18.81 -17.91
C ASN A 19 -15.15 17.69 -18.46
N LEU A 20 -14.08 18.06 -19.16
CA LEU A 20 -13.17 17.04 -19.68
C LEU A 20 -12.59 16.18 -18.56
N ALA A 21 -12.24 16.79 -17.43
CA ALA A 21 -11.68 16.00 -16.33
C ALA A 21 -12.65 14.91 -15.89
N ARG A 22 -13.93 15.26 -15.70
CA ARG A 22 -14.91 14.25 -15.30
C ARG A 22 -15.12 13.23 -16.41
N PHE A 23 -15.10 13.67 -17.67
CA PHE A 23 -15.29 12.74 -18.76
C PHE A 23 -14.18 11.70 -18.78
N LEU A 24 -12.94 12.17 -18.65
CA LEU A 24 -11.81 11.24 -18.67
C LEU A 24 -11.88 10.30 -17.47
N GLU A 25 -12.25 10.83 -16.30
CA GLU A 25 -12.42 9.97 -15.12
C GLU A 25 -13.43 8.86 -15.40
N LEU A 26 -14.60 9.22 -15.94
CA LEU A 26 -15.63 8.22 -16.20
C LEU A 26 -15.16 7.21 -17.23
N GLU A 27 -14.54 7.65 -18.30
CA GLU A 27 -14.17 6.72 -19.36
C GLU A 27 -13.06 5.79 -18.89
N LEU A 28 -12.14 6.31 -18.07
CA LEU A 28 -11.07 5.45 -17.55
C LEU A 28 -11.59 4.48 -16.50
N THR A 29 -12.49 4.96 -15.63
CA THR A 29 -13.12 4.07 -14.65
C THR A 29 -13.86 2.92 -15.34
N HIS A 30 -14.53 3.19 -16.46
CA HIS A 30 -15.16 2.14 -17.24
C HIS A 30 -14.17 1.10 -17.76
N GLU A 31 -12.92 1.49 -17.95
CA GLU A 31 -11.86 0.58 -18.37
C GLU A 31 -11.19 -0.11 -17.19
N ASN A 32 -11.75 0.04 -16.00
CA ASN A 32 -11.33 -0.59 -14.75
C ASN A 32 -10.07 0.01 -14.19
N TYR A 33 -9.75 1.23 -14.55
CA TYR A 33 -8.75 2.01 -13.84
C TYR A 33 -9.37 2.69 -12.62
N ASN A 34 -8.55 2.91 -11.60
CA ASN A 34 -8.89 3.77 -10.48
C ASN A 34 -8.30 5.14 -10.78
N VAL A 35 -9.12 6.17 -10.65
CA VAL A 35 -8.74 7.50 -11.10
C VAL A 35 -8.90 8.50 -9.96
N ASP A 36 -7.86 9.29 -9.71
CA ASP A 36 -7.90 10.51 -8.92
C ASP A 36 -7.73 11.71 -9.86
N THR A 37 -8.41 12.80 -9.53
CA THR A 37 -8.34 14.03 -10.31
C THR A 37 -8.02 15.22 -9.41
N GLU A 38 -7.23 16.14 -9.94
CA GLU A 38 -6.95 17.43 -9.34
C GLU A 38 -7.10 18.52 -10.39
N TYR A 39 -7.69 19.64 -10.00
CA TYR A 39 -7.94 20.74 -10.93
C TYR A 39 -6.91 21.85 -10.80
N ASP A 40 -6.07 21.80 -9.78
CA ASP A 40 -5.06 22.81 -9.54
C ASP A 40 -3.69 22.18 -9.71
N GLY A 41 -2.76 22.96 -10.28
CA GLY A 41 -1.45 22.44 -10.62
C GLY A 41 -0.61 22.09 -9.40
N GLN A 42 -0.66 22.94 -8.35
CA GLN A 42 0.09 22.61 -7.15
C GLN A 42 -0.52 21.43 -6.42
N ASP A 43 -1.85 21.38 -6.33
CA ASP A 43 -2.49 20.21 -5.72
C ASP A 43 -2.19 18.96 -6.52
N GLY A 44 -2.09 19.08 -7.85
CA GLY A 44 -1.80 17.92 -8.70
C GLY A 44 -0.40 17.40 -8.50
N LEU A 45 0.58 18.32 -8.47
CA LEU A 45 1.94 17.91 -8.15
C LEU A 45 2.02 17.28 -6.77
N ASP A 46 1.40 17.91 -5.76
CA ASP A 46 1.46 17.37 -4.40
C ASP A 46 0.89 15.96 -4.35
N LYS A 47 -0.22 15.74 -5.07
CA LYS A 47 -0.81 14.41 -5.12
C LYS A 47 0.09 13.41 -5.85
N ALA A 48 0.69 13.83 -6.96
CA ALA A 48 1.59 12.96 -7.71
C ALA A 48 2.76 12.53 -6.86
N LEU A 49 3.28 13.43 -6.02
CA LEU A 49 4.44 13.07 -5.22
C LEU A 49 4.10 12.26 -3.99
N SER A 50 2.86 12.34 -3.47
CA SER A 50 2.53 11.71 -2.21
C SER A 50 1.86 10.35 -2.35
N HIS A 51 1.35 10.03 -3.55
CA HIS A 51 0.73 8.73 -3.79
C HIS A 51 1.35 8.12 -5.03
N TYR A 52 1.35 6.79 -5.06
CA TYR A 52 1.87 6.04 -6.18
C TYR A 52 0.80 5.98 -7.24
N TYR A 53 1.11 6.47 -8.41
CA TYR A 53 0.28 6.24 -9.56
C TYR A 53 1.05 5.38 -10.55
N ASP A 54 0.32 4.63 -11.35
CA ASP A 54 0.88 3.91 -12.48
C ASP A 54 1.11 4.80 -13.71
N LEU A 55 0.29 5.84 -13.85
CA LEU A 55 0.38 6.75 -14.99
C LEU A 55 -0.28 8.06 -14.57
N ILE A 56 0.28 9.17 -15.04
CA ILE A 56 -0.21 10.50 -14.72
C ILE A 56 -0.50 11.22 -16.03
N ILE A 57 -1.71 11.81 -16.11
CA ILE A 57 -2.15 12.61 -17.24
C ILE A 57 -2.10 14.07 -16.80
N LEU A 58 -1.33 14.87 -17.52
CA LEU A 58 -1.03 16.25 -17.16
C LEU A 58 -1.46 17.20 -18.27
N ASP A 59 -2.39 18.08 -17.95
CA ASP A 59 -2.66 19.27 -18.74
C ASP A 59 -1.50 20.24 -18.56
N LEU A 60 -1.37 21.19 -19.48
CA LEU A 60 -0.28 22.14 -19.37
C LEU A 60 -0.70 23.47 -18.74
N MET A 61 -1.77 24.08 -19.20
CA MET A 61 -2.20 25.36 -18.63
CA MET A 61 -2.22 25.36 -18.64
C MET A 61 -3.11 25.07 -17.44
N LEU A 62 -2.57 25.29 -16.24
CA LEU A 62 -3.22 24.97 -14.98
C LEU A 62 -3.07 26.14 -14.00
N PRO A 63 -3.97 26.25 -13.03
CA PRO A 63 -3.75 27.20 -11.95
C PRO A 63 -2.53 26.85 -11.11
N SER A 64 -1.90 27.90 -10.54
CA SER A 64 -0.81 27.82 -9.56
C SER A 64 0.54 27.45 -10.19
N ILE A 65 0.63 26.29 -10.83
CA ILE A 65 1.81 25.96 -11.61
C ILE A 65 1.37 25.18 -12.85
N ASN A 66 2.14 25.34 -13.92
CA ASN A 66 1.78 24.75 -15.19
C ASN A 66 2.43 23.38 -15.36
N GLY A 67 1.99 22.68 -16.39
CA GLY A 67 2.29 21.26 -16.53
C GLY A 67 3.75 20.91 -16.73
N LEU A 68 4.52 21.73 -17.42
CA LEU A 68 5.93 21.36 -17.63
C LEU A 68 6.70 21.45 -16.32
N GLU A 69 6.36 22.43 -15.46
CA GLU A 69 6.97 22.45 -14.13
C GLU A 69 6.57 21.21 -13.33
N ILE A 70 5.29 20.82 -13.38
CA ILE A 70 4.85 19.60 -12.71
C ILE A 70 5.61 18.42 -13.22
N CYS A 71 5.75 18.31 -14.54
CA CYS A 71 6.45 17.19 -15.15
C CYS A 71 7.90 17.14 -14.64
N ARG A 72 8.59 18.27 -14.67
CA ARG A 72 9.97 18.34 -14.17
C ARG A 72 10.05 17.90 -12.72
N LYS A 73 9.16 18.42 -11.88
CA LYS A 73 9.25 18.08 -10.47
C LYS A 73 8.88 16.64 -10.19
N ILE A 74 7.95 16.05 -10.96
CA ILE A 74 7.71 14.62 -10.80
C ILE A 74 8.96 13.82 -11.18
N ARG A 75 9.62 14.20 -12.27
CA ARG A 75 10.77 13.48 -12.80
C ARG A 75 12.02 13.61 -11.93
N GLN A 76 12.04 14.54 -10.97
CA GLN A 76 13.12 14.57 -9.97
C GLN A 76 12.97 13.45 -8.96
N GLN A 77 11.79 12.84 -8.90
CA GLN A 77 11.48 11.85 -7.87
CA GLN A 77 11.50 11.85 -7.88
C GLN A 77 11.04 10.50 -8.41
N GLN A 78 10.50 10.44 -9.64
CA GLN A 78 9.80 9.26 -10.14
C GLN A 78 9.99 9.10 -11.65
N SER A 79 9.95 7.86 -12.10
CA SER A 79 9.93 7.53 -13.51
C SER A 79 8.51 7.24 -13.98
N THR A 80 7.53 7.47 -13.11
CA THR A 80 6.13 7.24 -13.41
C THR A 80 5.75 7.75 -14.79
N PRO A 81 5.09 6.92 -15.61
CA PRO A 81 4.67 7.39 -16.93
C PRO A 81 3.81 8.65 -16.85
N ILE A 82 4.08 9.59 -17.76
CA ILE A 82 3.32 10.84 -17.89
C ILE A 82 2.83 10.99 -19.33
N ILE A 83 1.53 11.31 -19.51
CA ILE A 83 1.02 11.76 -20.80
C ILE A 83 0.60 13.20 -20.64
N ILE A 84 1.12 14.07 -21.47
CA ILE A 84 0.66 15.44 -21.52
C ILE A 84 -0.53 15.51 -22.48
N ILE A 85 -1.59 16.17 -22.06
CA ILE A 85 -2.69 16.56 -22.94
C ILE A 85 -2.80 18.07 -22.94
N THR A 86 -2.97 18.67 -24.11
CA THR A 86 -2.98 20.13 -24.13
C THR A 86 -3.50 20.67 -25.46
N ALA A 87 -4.08 21.86 -25.39
CA ALA A 87 -4.40 22.56 -26.63
C ALA A 87 -3.16 23.11 -27.33
N LYS A 88 -2.01 23.16 -26.67
CA LYS A 88 -0.78 23.63 -27.30
C LYS A 88 -0.25 22.61 -28.29
N SER A 89 -0.25 22.97 -29.57
CA SER A 89 0.00 22.03 -30.65
C SER A 89 1.26 22.30 -31.46
N ASP A 90 2.03 23.33 -31.14
CA ASP A 90 3.25 23.58 -31.91
C ASP A 90 4.26 22.47 -31.66
N THR A 91 5.07 22.17 -32.69
CA THR A 91 6.12 21.15 -32.56
C THR A 91 6.99 21.42 -31.35
N TYR A 92 7.42 22.66 -31.15
CA TYR A 92 8.35 22.90 -30.04
C TYR A 92 7.74 22.52 -28.70
N ASP A 93 6.47 22.83 -28.48
CA ASP A 93 5.84 22.46 -27.21
C ASP A 93 5.87 20.95 -27.02
N LYS A 94 5.60 20.21 -28.10
CA LYS A 94 5.63 18.74 -28.00
C LYS A 94 7.01 18.26 -27.61
N VAL A 95 8.03 18.76 -28.31
CA VAL A 95 9.41 18.34 -28.09
C VAL A 95 9.83 18.66 -26.67
N ALA A 96 9.53 19.89 -26.22
CA ALA A 96 9.90 20.30 -24.89
C ALA A 96 9.29 19.39 -23.84
N GLY A 97 8.02 19.03 -24.03
CA GLY A 97 7.34 18.18 -23.08
C GLY A 97 7.92 16.78 -23.03
N LEU A 98 8.20 16.21 -24.21
CA LEU A 98 8.79 14.88 -24.24
C LEU A 98 10.19 14.91 -23.65
N ASP A 99 10.95 15.96 -23.95
CA ASP A 99 12.33 16.00 -23.45
C ASP A 99 12.37 16.23 -21.95
N TYR A 100 11.36 16.91 -21.38
CA TYR A 100 11.27 17.04 -19.93
C TYR A 100 10.78 15.76 -19.26
N GLY A 101 10.50 14.71 -20.03
CA GLY A 101 10.24 13.40 -19.47
C GLY A 101 8.86 12.84 -19.73
N ALA A 102 7.97 13.57 -20.37
CA ALA A 102 6.70 12.97 -20.74
C ALA A 102 6.90 11.84 -21.73
N ASP A 103 6.06 10.80 -21.58
CA ASP A 103 6.14 9.62 -22.41
C ASP A 103 5.31 9.76 -23.69
N ASP A 104 4.30 10.63 -23.68
CA ASP A 104 3.46 10.92 -24.84
C ASP A 104 2.86 12.30 -24.61
N TYR A 105 2.23 12.82 -25.65
CA TYR A 105 1.83 14.23 -25.75
C TYR A 105 0.74 14.27 -26.79
N ILE A 106 -0.48 14.55 -26.35
CA ILE A 106 -1.67 14.49 -27.18
C ILE A 106 -2.30 15.88 -27.25
N VAL A 107 -2.59 16.33 -28.46
CA VAL A 107 -3.20 17.63 -28.66
C VAL A 107 -4.71 17.52 -28.50
N LYS A 108 -5.29 18.43 -27.71
CA LYS A 108 -6.73 18.59 -27.55
C LYS A 108 -7.33 19.38 -28.72
N PRO A 109 -8.56 19.02 -29.13
CA PRO A 109 -9.38 17.92 -28.64
C PRO A 109 -8.92 16.61 -29.24
N PHE A 110 -9.06 15.53 -28.47
CA PHE A 110 -8.75 14.20 -28.95
C PHE A 110 -9.90 13.24 -28.68
N ASP A 111 -9.84 12.08 -29.34
CA ASP A 111 -10.80 11.00 -29.14
CA ASP A 111 -10.80 11.00 -29.14
C ASP A 111 -10.37 10.15 -27.96
N ILE A 112 -11.29 9.87 -27.05
CA ILE A 112 -10.97 9.06 -25.88
C ILE A 112 -10.30 7.74 -26.28
N GLU A 113 -10.77 7.11 -27.36
CA GLU A 113 -10.19 5.81 -27.72
C GLU A 113 -8.71 5.91 -28.02
N GLU A 114 -8.25 7.05 -28.56
CA GLU A 114 -6.82 7.23 -28.77
C GLU A 114 -6.06 7.30 -27.45
N LEU A 115 -6.55 8.10 -26.50
CA LEU A 115 -5.92 8.18 -25.19
C LEU A 115 -5.85 6.79 -24.55
N LEU A 116 -6.96 6.04 -24.59
CA LEU A 116 -6.95 4.71 -23.98
C LEU A 116 -5.90 3.81 -24.64
N ALA A 117 -5.79 3.87 -25.96
CA ALA A 117 -4.81 3.05 -26.67
C ALA A 117 -3.39 3.45 -26.31
N ARG A 118 -3.13 4.74 -26.14
CA ARG A 118 -1.79 5.19 -25.75
C ARG A 118 -1.46 4.81 -24.31
N ILE A 119 -2.43 4.91 -23.38
CA ILE A 119 -2.23 4.39 -22.04
C ILE A 119 -1.82 2.94 -22.08
N ARG A 120 -2.57 2.13 -22.84
CA ARG A 120 -2.24 0.70 -22.94
C ARG A 120 -0.84 0.50 -23.46
N ALA A 121 -0.44 1.24 -24.49
CA ALA A 121 0.85 1.05 -25.13
C ALA A 121 1.99 1.39 -24.18
N ILE A 122 1.84 2.45 -23.40
CA ILE A 122 2.88 2.84 -22.45
C ILE A 122 2.96 1.84 -21.31
N LEU A 123 1.82 1.42 -20.77
CA LEU A 123 1.85 0.53 -19.63
C LEU A 123 2.31 -0.88 -20.00
N ARG A 124 2.17 -1.28 -21.27
CA ARG A 124 2.67 -2.58 -21.74
C ARG A 124 4.13 -2.77 -21.41
N ARG A 125 4.90 -1.71 -21.46
CA ARG A 125 6.35 -1.79 -21.26
C ARG A 125 6.79 -1.56 -19.82
N GLN A 126 5.87 -1.44 -18.88
CA GLN A 126 6.27 -1.27 -17.47
C GLN A 126 6.58 -2.61 -16.83
N HIS B 8 19.97 2.05 -28.39
CA HIS B 8 20.97 2.97 -29.01
C HIS B 8 20.70 3.22 -30.50
N THR B 9 21.49 2.62 -31.39
CA THR B 9 21.76 3.27 -32.66
C THR B 9 21.04 2.70 -33.88
N GLN B 10 20.51 1.48 -33.83
CA GLN B 10 20.10 0.79 -35.05
C GLN B 10 18.63 1.04 -35.34
N ILE B 11 18.34 1.68 -36.48
CA ILE B 11 16.97 1.97 -36.90
C ILE B 11 16.71 1.37 -38.27
N LEU B 12 15.54 0.78 -38.40
CA LEU B 12 14.95 0.40 -39.69
C LEU B 12 13.77 1.30 -39.99
N ILE B 13 13.69 1.76 -41.23
CA ILE B 13 12.57 2.54 -41.74
C ILE B 13 11.96 1.78 -42.91
N VAL B 14 10.67 1.53 -42.83
CA VAL B 14 9.92 0.93 -43.93
C VAL B 14 8.94 2.00 -44.43
N GLU B 15 9.23 2.55 -45.61
CA GLU B 15 8.53 3.73 -46.09
C GLU B 15 8.72 3.74 -47.61
N ASP B 16 7.61 3.81 -48.35
CA ASP B 16 7.68 3.73 -49.82
C ASP B 16 7.72 5.09 -50.51
N GLU B 17 7.57 6.19 -49.78
CA GLU B 17 7.71 7.53 -50.33
C GLU B 17 9.19 7.89 -50.19
N GLN B 18 9.93 7.78 -51.29
CA GLN B 18 11.38 7.70 -51.16
C GLN B 18 12.00 9.03 -50.76
N ASN B 19 11.38 10.14 -51.13
CA ASN B 19 11.91 11.43 -50.70
C ASN B 19 11.86 11.56 -49.19
N LEU B 20 10.76 11.10 -48.59
CA LEU B 20 10.66 11.12 -47.13
C LEU B 20 11.69 10.19 -46.50
N ALA B 21 11.82 8.97 -47.05
CA ALA B 21 12.73 8.00 -46.47
C ALA B 21 14.17 8.49 -46.49
N ARG B 22 14.61 9.13 -47.59
CA ARG B 22 16.00 9.59 -47.63
C ARG B 22 16.21 10.74 -46.65
N PHE B 23 15.23 11.63 -46.55
CA PHE B 23 15.24 12.69 -45.56
C PHE B 23 15.41 12.13 -44.15
N LEU B 24 14.51 11.24 -43.76
CA LEU B 24 14.62 10.62 -42.44
C LEU B 24 15.93 9.90 -42.30
N GLU B 25 16.33 9.14 -43.34
CA GLU B 25 17.58 8.41 -43.30
C GLU B 25 18.75 9.36 -43.02
N LEU B 26 18.82 10.46 -43.77
CA LEU B 26 19.90 11.42 -43.59
C LEU B 26 19.82 12.13 -42.23
N GLU B 27 18.63 12.62 -41.87
CA GLU B 27 18.44 13.31 -40.60
C GLU B 27 18.81 12.40 -39.43
N LEU B 28 18.34 11.14 -39.47
CA LEU B 28 18.68 10.21 -38.40
C LEU B 28 20.16 9.87 -38.40
N THR B 29 20.77 9.69 -39.58
CA THR B 29 22.21 9.44 -39.59
C THR B 29 22.96 10.62 -39.01
N HIS B 30 22.56 11.84 -39.39
CA HIS B 30 23.11 13.03 -38.78
C HIS B 30 23.04 12.98 -37.25
N GLU B 31 22.04 12.29 -36.69
CA GLU B 31 21.88 12.21 -35.25
C GLU B 31 22.59 11.00 -34.64
N ASN B 32 23.47 10.36 -35.40
CA ASN B 32 24.35 9.30 -34.94
C ASN B 32 23.63 7.97 -34.82
N TYR B 33 22.50 7.83 -35.50
CA TYR B 33 21.86 6.53 -35.67
C TYR B 33 22.35 5.86 -36.95
N ASN B 34 22.38 4.54 -36.92
CA ASN B 34 22.69 3.75 -38.10
C ASN B 34 21.37 3.27 -38.70
N VAL B 35 21.08 3.74 -39.91
CA VAL B 35 19.76 3.57 -40.53
C VAL B 35 19.84 2.57 -41.68
N ASP B 36 18.95 1.58 -41.65
CA ASP B 36 18.59 0.81 -42.83
C ASP B 36 17.21 1.25 -43.29
N THR B 37 16.96 1.16 -44.61
CA THR B 37 15.66 1.50 -45.16
C THR B 37 15.25 0.48 -46.21
N GLU B 38 13.93 0.31 -46.33
CA GLU B 38 13.27 -0.56 -47.30
C GLU B 38 12.03 0.16 -47.80
N TYR B 39 11.84 0.16 -49.12
CA TYR B 39 10.69 0.80 -49.74
C TYR B 39 9.53 -0.15 -49.97
N ASP B 40 9.72 -1.45 -49.76
CA ASP B 40 8.68 -2.45 -49.95
C ASP B 40 8.34 -3.10 -48.63
N GLY B 41 7.04 -3.39 -48.44
CA GLY B 41 6.58 -3.87 -47.15
C GLY B 41 7.12 -5.25 -46.82
N GLN B 42 7.17 -6.13 -47.82
CA GLN B 42 7.68 -7.48 -47.58
C GLN B 42 9.18 -7.44 -47.30
N ASP B 43 9.94 -6.69 -48.10
CA ASP B 43 11.36 -6.51 -47.81
C ASP B 43 11.56 -5.95 -46.42
N GLY B 44 10.73 -4.97 -46.01
CA GLY B 44 10.86 -4.39 -44.69
C GLY B 44 10.62 -5.41 -43.58
N LEU B 45 9.53 -6.17 -43.68
CA LEU B 45 9.26 -7.22 -42.71
C LEU B 45 10.40 -8.24 -42.67
N ASP B 46 10.84 -8.71 -43.84
CA ASP B 46 11.97 -9.65 -43.90
C ASP B 46 13.18 -9.06 -43.21
N LYS B 47 13.48 -7.80 -43.49
CA LYS B 47 14.66 -7.17 -42.89
C LYS B 47 14.52 -7.11 -41.38
N ALA B 48 13.32 -6.77 -40.89
CA ALA B 48 13.14 -6.62 -39.46
C ALA B 48 13.35 -7.96 -38.75
N LEU B 49 12.88 -9.04 -39.37
CA LEU B 49 12.98 -10.36 -38.75
C LEU B 49 14.37 -10.96 -38.89
N SER B 50 15.16 -10.51 -39.87
CA SER B 50 16.48 -11.08 -40.10
C SER B 50 17.59 -10.28 -39.44
N HIS B 51 17.36 -9.02 -39.14
CA HIS B 51 18.40 -8.15 -38.62
C HIS B 51 17.92 -7.50 -37.35
N TYR B 52 18.89 -7.16 -36.49
CA TYR B 52 18.59 -6.52 -35.22
C TYR B 52 18.40 -5.03 -35.42
N TYR B 53 17.42 -4.48 -34.71
CA TYR B 53 17.20 -3.05 -34.67
C TYR B 53 16.82 -2.65 -33.26
N ASP B 54 17.18 -1.42 -32.92
CA ASP B 54 16.73 -0.84 -31.66
C ASP B 54 15.32 -0.26 -31.78
N LEU B 55 14.92 0.17 -32.97
CA LEU B 55 13.63 0.78 -33.18
C LEU B 55 13.30 0.74 -34.67
N ILE B 56 12.04 0.49 -34.98
CA ILE B 56 11.56 0.30 -36.33
C ILE B 56 10.49 1.34 -36.58
N ILE B 57 10.65 2.07 -37.67
CA ILE B 57 9.69 3.06 -38.12
C ILE B 57 8.91 2.47 -39.28
N LEU B 58 7.59 2.36 -39.13
CA LEU B 58 6.74 1.68 -40.09
C LEU B 58 5.70 2.63 -40.66
N ASP B 59 5.71 2.81 -41.98
CA ASP B 59 4.59 3.39 -42.68
C ASP B 59 3.47 2.36 -42.72
N LEU B 60 2.25 2.83 -43.00
CA LEU B 60 1.14 1.88 -43.09
C LEU B 60 0.89 1.43 -44.53
N MET B 61 0.75 2.38 -45.46
CA MET B 61 0.40 2.09 -46.85
C MET B 61 1.67 1.80 -47.63
N LEU B 62 1.92 0.52 -47.86
CA LEU B 62 3.13 0.01 -48.47
C LEU B 62 2.74 -1.04 -49.50
N PRO B 63 3.57 -1.23 -50.52
CA PRO B 63 3.34 -2.36 -51.42
C PRO B 63 3.60 -3.69 -50.74
N SER B 64 2.95 -4.73 -51.27
CA SER B 64 3.16 -6.12 -50.85
C SER B 64 2.43 -6.46 -49.57
N ILE B 65 2.69 -5.71 -48.51
CA ILE B 65 2.11 -6.01 -47.20
C ILE B 65 2.04 -4.73 -46.39
N ASN B 66 0.88 -4.50 -45.77
CA ASN B 66 0.61 -3.23 -45.10
C ASN B 66 1.23 -3.19 -43.71
N GLY B 67 1.49 -1.97 -43.24
CA GLY B 67 2.28 -1.77 -42.02
C GLY B 67 1.64 -2.33 -40.77
N LEU B 68 0.30 -2.44 -40.75
CA LEU B 68 -0.35 -3.01 -39.58
C LEU B 68 -0.04 -4.50 -39.48
N GLU B 69 -0.09 -5.19 -40.61
CA GLU B 69 0.29 -6.59 -40.63
C GLU B 69 1.76 -6.77 -40.31
N ILE B 70 2.62 -5.91 -40.85
CA ILE B 70 4.05 -5.94 -40.48
C ILE B 70 4.19 -5.81 -38.96
N CYS B 71 3.50 -4.84 -38.38
CA CYS B 71 3.56 -4.61 -36.94
C CYS B 71 3.17 -5.87 -36.18
N ARG B 72 2.04 -6.47 -36.54
CA ARG B 72 1.61 -7.70 -35.86
C ARG B 72 2.67 -8.79 -35.97
N LYS B 73 3.24 -8.99 -37.16
CA LYS B 73 4.17 -10.11 -37.34
C LYS B 73 5.48 -9.83 -36.61
N ILE B 74 5.93 -8.57 -36.59
CA ILE B 74 7.12 -8.27 -35.80
C ILE B 74 6.86 -8.52 -34.33
N ARG B 75 5.75 -7.97 -33.81
CA ARG B 75 5.50 -8.03 -32.38
C ARG B 75 5.26 -9.45 -31.96
N GLN B 76 4.84 -10.30 -32.89
CA GLN B 76 4.71 -11.72 -32.58
C GLN B 76 6.05 -12.30 -32.17
N GLN B 77 7.14 -11.85 -32.80
CA GLN B 77 8.46 -12.45 -32.60
C GLN B 77 9.45 -11.60 -31.80
N GLN B 78 9.25 -10.28 -31.68
CA GLN B 78 10.24 -9.41 -31.06
C GLN B 78 9.55 -8.37 -30.19
N SER B 79 10.30 -7.88 -29.20
CA SER B 79 9.92 -6.77 -28.32
C SER B 79 10.30 -5.41 -28.91
N THR B 80 10.94 -5.40 -30.06
CA THR B 80 11.53 -4.20 -30.63
C THR B 80 10.54 -3.03 -30.65
N PRO B 81 10.92 -1.85 -30.14
CA PRO B 81 10.07 -0.66 -30.30
C PRO B 81 9.68 -0.38 -31.74
N ILE B 82 8.45 0.08 -31.92
CA ILE B 82 7.88 0.42 -33.22
C ILE B 82 7.21 1.78 -33.13
N ILE B 83 7.53 2.68 -34.07
CA ILE B 83 6.77 3.89 -34.29
C ILE B 83 6.13 3.79 -35.65
N ILE B 84 4.83 3.96 -35.70
CA ILE B 84 4.12 4.08 -36.97
C ILE B 84 4.15 5.54 -37.41
N ILE B 85 4.39 5.76 -38.70
CA ILE B 85 4.23 7.07 -39.31
C ILE B 85 3.31 6.89 -40.50
N THR B 86 2.35 7.78 -40.66
CA THR B 86 1.35 7.49 -41.68
C THR B 86 0.50 8.72 -41.95
N ALA B 87 -0.04 8.78 -43.17
CA ALA B 87 -1.05 9.78 -43.49
C ALA B 87 -2.43 9.41 -42.97
N LYS B 88 -2.63 8.17 -42.53
CA LYS B 88 -3.92 7.74 -42.00
C LYS B 88 -4.15 8.39 -40.64
N SER B 89 -5.04 9.37 -40.59
CA SER B 89 -5.29 10.14 -39.38
C SER B 89 -6.47 9.63 -38.57
N ASP B 90 -7.18 8.62 -39.05
CA ASP B 90 -8.41 8.19 -38.38
C ASP B 90 -8.14 7.50 -37.05
N THR B 91 -9.00 7.76 -36.07
CA THR B 91 -8.82 7.17 -34.74
C THR B 91 -8.79 5.65 -34.79
N TYR B 92 -9.61 5.04 -35.67
CA TYR B 92 -9.63 3.59 -35.72
C TYR B 92 -8.25 3.05 -36.07
N ASP B 93 -7.56 3.72 -36.99
CA ASP B 93 -6.26 3.28 -37.43
C ASP B 93 -5.21 3.49 -36.35
N LYS B 94 -5.30 4.60 -35.59
CA LYS B 94 -4.38 4.81 -34.49
C LYS B 94 -4.54 3.73 -33.43
N VAL B 95 -5.79 3.43 -33.08
CA VAL B 95 -6.04 2.44 -32.04
C VAL B 95 -5.51 1.08 -32.49
N ALA B 96 -5.74 0.73 -33.77
CA ALA B 96 -5.30 -0.57 -34.27
C ALA B 96 -3.78 -0.66 -34.24
N GLY B 97 -3.09 0.37 -34.70
CA GLY B 97 -1.64 0.34 -34.75
C GLY B 97 -1.03 0.20 -33.36
N LEU B 98 -1.53 0.98 -32.41
CA LEU B 98 -1.04 0.86 -31.03
C LEU B 98 -1.38 -0.49 -30.43
N ASP B 99 -2.63 -0.95 -30.59
CA ASP B 99 -3.01 -2.23 -29.97
C ASP B 99 -2.25 -3.40 -30.58
N TYR B 100 -1.90 -3.31 -31.88
CA TYR B 100 -1.11 -4.37 -32.54
C TYR B 100 0.36 -4.36 -32.17
N GLY B 101 0.82 -3.35 -31.43
CA GLY B 101 2.15 -3.42 -30.85
C GLY B 101 2.97 -2.16 -30.98
N ALA B 102 2.51 -1.18 -31.75
CA ALA B 102 3.29 0.02 -31.91
C ALA B 102 3.34 0.81 -30.59
N ASP B 103 4.49 1.44 -30.35
CA ASP B 103 4.71 2.23 -29.15
C ASP B 103 4.30 3.67 -29.33
N ASP B 104 4.23 4.13 -30.58
CA ASP B 104 3.77 5.49 -30.88
C ASP B 104 3.29 5.46 -32.33
N TYR B 105 2.66 6.55 -32.74
CA TYR B 105 1.90 6.63 -33.98
C TYR B 105 1.81 8.11 -34.31
N ILE B 106 2.46 8.52 -35.40
CA ILE B 106 2.61 9.91 -35.78
C ILE B 106 1.95 10.11 -37.13
N VAL B 107 1.09 11.11 -37.21
CA VAL B 107 0.38 11.44 -38.44
C VAL B 107 1.23 12.40 -39.26
N LYS B 108 1.31 12.13 -40.56
CA LYS B 108 2.03 12.95 -41.52
C LYS B 108 1.17 14.13 -41.96
N PRO B 109 1.77 15.28 -42.24
CA PRO B 109 3.20 15.57 -42.07
C PRO B 109 3.60 15.86 -40.63
N PHE B 110 4.86 15.59 -40.31
CA PHE B 110 5.41 15.86 -38.99
C PHE B 110 6.81 16.43 -39.15
N ASP B 111 7.21 17.20 -38.16
CA ASP B 111 8.54 17.78 -38.14
CA ASP B 111 8.54 17.80 -38.11
C ASP B 111 9.53 16.80 -37.54
N ILE B 112 10.72 16.73 -38.15
CA ILE B 112 11.75 15.77 -37.73
C ILE B 112 12.04 15.89 -36.25
N GLU B 113 12.06 17.11 -35.68
CA GLU B 113 12.38 17.19 -34.27
C GLU B 113 11.33 16.47 -33.43
N GLU B 114 10.09 16.38 -33.90
CA GLU B 114 9.08 15.62 -33.15
C GLU B 114 9.40 14.14 -33.19
N LEU B 115 9.72 13.63 -34.39
CA LEU B 115 10.11 12.23 -34.51
C LEU B 115 11.29 11.92 -33.61
N LEU B 116 12.34 12.74 -33.69
CA LEU B 116 13.52 12.49 -32.88
C LEU B 116 13.19 12.48 -31.39
N ALA B 117 12.30 13.39 -30.96
CA ALA B 117 11.93 13.44 -29.55
C ALA B 117 11.15 12.21 -29.13
N ARG B 118 10.30 11.71 -30.03
CA ARG B 118 9.51 10.51 -29.73
C ARG B 118 10.40 9.28 -29.75
N ILE B 119 11.43 9.26 -30.61
CA ILE B 119 12.39 8.16 -30.57
C ILE B 119 13.09 8.14 -29.22
N ARG B 120 13.55 9.32 -28.76
CA ARG B 120 14.20 9.38 -27.45
C ARG B 120 13.27 8.92 -26.33
N ALA B 121 12.02 9.35 -26.37
CA ALA B 121 11.07 9.00 -25.32
C ALA B 121 10.81 7.49 -25.28
N ILE B 122 10.66 6.88 -26.46
CA ILE B 122 10.39 5.45 -26.53
C ILE B 122 11.59 4.66 -26.05
N LEU B 123 12.80 5.04 -26.45
CA LEU B 123 13.97 4.34 -25.97
C LEU B 123 14.21 4.52 -24.48
N ARG B 124 13.55 5.49 -23.84
CA ARG B 124 13.59 5.54 -22.38
C ARG B 124 12.74 4.44 -21.74
N ARG B 125 11.81 3.86 -22.48
CA ARG B 125 10.84 2.92 -21.91
C ARG B 125 11.39 1.50 -21.74
N GLN B 126 12.51 1.17 -22.35
CA GLN B 126 13.01 -0.20 -22.32
C GLN B 126 13.53 -0.57 -20.94
N HIS C 7 -0.25 -33.96 24.52
CA HIS C 7 -1.16 -34.81 23.69
C HIS C 7 -1.71 -34.04 22.47
N HIS C 8 -2.72 -33.21 22.70
CA HIS C 8 -3.21 -32.33 21.64
C HIS C 8 -2.15 -31.28 21.30
N THR C 9 -1.98 -31.01 20.00
CA THR C 9 -1.11 -29.94 19.55
C THR C 9 -1.67 -28.59 19.98
N GLN C 10 -0.81 -27.71 20.51
CA GLN C 10 -1.21 -26.45 21.12
C GLN C 10 -0.79 -25.28 20.22
N ILE C 11 -1.74 -24.39 19.91
CA ILE C 11 -1.51 -23.28 19.00
C ILE C 11 -1.89 -21.99 19.69
N LEU C 12 -1.07 -20.97 19.53
CA LEU C 12 -1.37 -19.62 19.98
C LEU C 12 -1.60 -18.75 18.75
N ILE C 13 -2.71 -18.00 18.71
CA ILE C 13 -2.97 -17.04 17.64
C ILE C 13 -2.95 -15.63 18.24
N VAL C 14 -2.16 -14.74 17.66
CA VAL C 14 -2.13 -13.34 18.08
C VAL C 14 -2.64 -12.52 16.91
N GLU C 15 -3.86 -12.02 17.03
CA GLU C 15 -4.61 -11.45 15.91
C GLU C 15 -5.64 -10.48 16.46
N ASP C 16 -5.65 -9.24 15.96
CA ASP C 16 -6.53 -8.25 16.55
C ASP C 16 -7.84 -8.10 15.79
N GLU C 17 -7.98 -8.70 14.62
CA GLU C 17 -9.28 -8.69 13.92
C GLU C 17 -10.08 -9.87 14.49
N GLN C 18 -11.03 -9.57 15.39
CA GLN C 18 -11.64 -10.63 16.17
C GLN C 18 -12.54 -11.56 15.36
N ASN C 19 -13.11 -11.13 14.22
CA ASN C 19 -13.88 -12.06 13.38
C ASN C 19 -12.98 -13.17 12.86
N LEU C 20 -11.86 -12.79 12.24
CA LEU C 20 -10.89 -13.77 11.77
C LEU C 20 -10.32 -14.58 12.93
N ALA C 21 -9.96 -13.93 14.03
CA ALA C 21 -9.40 -14.67 15.17
C ALA C 21 -10.35 -15.77 15.62
N ARG C 22 -11.63 -15.45 15.74
CA ARG C 22 -12.60 -16.44 16.23
C ARG C 22 -12.79 -17.54 15.21
N PHE C 23 -12.77 -17.18 13.93
CA PHE C 23 -12.91 -18.16 12.86
C PHE C 23 -11.75 -19.14 12.88
N LEU C 24 -10.53 -18.63 12.98
CA LEU C 24 -9.37 -19.52 12.96
C LEU C 24 -9.37 -20.40 14.19
N GLU C 25 -9.77 -19.85 15.33
CA GLU C 25 -9.85 -20.64 16.54
C GLU C 25 -10.81 -21.81 16.34
N LEU C 26 -11.98 -21.53 15.80
CA LEU C 26 -12.99 -22.57 15.65
C LEU C 26 -12.53 -23.62 14.65
N GLU C 27 -11.99 -23.18 13.51
CA GLU C 27 -11.56 -24.13 12.47
C GLU C 27 -10.41 -24.99 12.97
N LEU C 28 -9.46 -24.38 13.69
CA LEU C 28 -8.34 -25.18 14.19
C LEU C 28 -8.80 -26.14 15.28
N THR C 29 -9.73 -25.73 16.12
CA THR C 29 -10.20 -26.65 17.16
C THR C 29 -10.92 -27.84 16.54
N HIS C 30 -11.65 -27.62 15.44
CA HIS C 30 -12.30 -28.71 14.73
C HIS C 30 -11.30 -29.70 14.18
N GLU C 31 -10.09 -29.24 13.86
CA GLU C 31 -9.01 -30.07 13.38
C GLU C 31 -8.19 -30.65 14.52
N ASN C 32 -8.71 -30.54 15.76
CA ASN C 32 -8.20 -31.19 16.96
CA ASN C 32 -8.20 -31.20 16.95
C ASN C 32 -6.95 -30.53 17.51
N TYR C 33 -6.80 -29.22 17.25
CA TYR C 33 -5.79 -28.40 17.92
C TYR C 33 -6.44 -27.77 19.15
N ASN C 34 -5.64 -27.51 20.16
CA ASN C 34 -6.04 -26.73 21.32
C ASN C 34 -5.50 -25.32 21.09
N VAL C 35 -6.39 -24.33 21.05
CA VAL C 35 -6.04 -23.00 20.59
C VAL C 35 -6.23 -21.96 21.69
N ASP C 36 -5.22 -21.13 21.88
CA ASP C 36 -5.35 -19.90 22.65
C ASP C 36 -5.25 -18.70 21.71
N THR C 37 -5.96 -17.63 22.03
CA THR C 37 -5.93 -16.43 21.21
C THR C 37 -5.69 -15.22 22.10
N GLU C 38 -4.93 -14.25 21.57
CA GLU C 38 -4.73 -12.95 22.17
C GLU C 38 -4.94 -11.91 21.08
N TYR C 39 -5.55 -10.78 21.45
CA TYR C 39 -5.86 -9.71 20.51
C TYR C 39 -4.88 -8.56 20.62
N ASP C 40 -4.04 -8.54 21.63
CA ASP C 40 -3.06 -7.48 21.84
C ASP C 40 -1.65 -8.04 21.74
N GLY C 41 -0.74 -7.27 21.13
CA GLY C 41 0.62 -7.76 20.88
C GLY C 41 1.43 -8.00 22.14
N GLN C 42 1.29 -7.15 23.16
CA GLN C 42 2.02 -7.40 24.40
C GLN C 42 1.45 -8.63 25.10
N ASP C 43 0.12 -8.74 25.11
CA ASP C 43 -0.50 -9.91 25.73
C ASP C 43 -0.10 -11.17 24.98
N GLY C 44 -0.01 -11.08 23.66
CA GLY C 44 0.38 -12.23 22.87
C GLY C 44 1.81 -12.68 23.12
N LEU C 45 2.74 -11.71 23.16
CA LEU C 45 4.13 -12.05 23.48
C LEU C 45 4.23 -12.68 24.86
N ASP C 46 3.59 -12.05 25.86
CA ASP C 46 3.68 -12.57 27.20
C ASP C 46 3.16 -14.00 27.26
N LYS C 47 2.07 -14.26 26.54
CA LYS C 47 1.52 -15.61 26.53
C LYS C 47 2.47 -16.59 25.84
N ALA C 48 3.07 -16.18 24.71
CA ALA C 48 4.01 -17.03 23.99
C ALA C 48 5.19 -17.42 24.88
N LEU C 49 5.70 -16.48 25.66
CA LEU C 49 6.88 -16.79 26.46
C LEU C 49 6.54 -17.58 27.71
N SER C 50 5.30 -17.47 28.21
CA SER C 50 5.00 -18.11 29.49
C SER C 50 4.34 -19.47 29.36
N HIS C 51 3.86 -19.85 28.17
CA HIS C 51 3.17 -21.11 28.00
C HIS C 51 3.75 -21.84 26.82
N TYR C 52 3.60 -23.15 26.85
CA TYR C 52 4.13 -24.00 25.79
C TYR C 52 3.16 -24.02 24.62
N TYR C 53 3.67 -23.72 23.43
CA TYR C 53 2.93 -23.94 22.20
C TYR C 53 3.78 -24.74 21.22
N ASP C 54 3.11 -25.55 20.44
CA ASP C 54 3.72 -26.24 19.33
C ASP C 54 3.91 -25.34 18.14
N LEU C 55 3.03 -24.35 17.96
CA LEU C 55 3.13 -23.44 16.83
C LEU C 55 2.41 -22.15 17.20
N ILE C 56 2.93 -21.02 16.74
CA ILE C 56 2.38 -19.70 17.04
C ILE C 56 2.06 -18.99 15.73
N ILE C 57 0.84 -18.47 15.62
CA ILE C 57 0.39 -17.73 14.44
C ILE C 57 0.34 -16.27 14.83
N LEU C 58 1.05 -15.42 14.06
CA LEU C 58 1.26 -14.01 14.39
C LEU C 58 0.77 -13.13 13.25
N ASP C 59 -0.22 -12.31 13.55
CA ASP C 59 -0.53 -11.13 12.76
C ASP C 59 0.59 -10.11 12.96
N LEU C 60 0.69 -9.15 12.03
CA LEU C 60 1.73 -8.16 12.16
C LEU C 60 1.23 -6.82 12.71
N MET C 61 0.19 -6.25 12.12
CA MET C 61 -0.32 -4.98 12.62
CA MET C 61 -0.33 -4.98 12.62
C MET C 61 -1.25 -5.26 13.81
N LEU C 62 -0.70 -5.04 15.01
CA LEU C 62 -1.26 -5.33 16.31
C LEU C 62 -1.08 -4.14 17.22
N PRO C 63 -1.96 -3.99 18.18
CA PRO C 63 -1.72 -2.98 19.21
C PRO C 63 -0.57 -3.39 20.10
N SER C 64 0.10 -2.38 20.65
CA SER C 64 1.12 -2.49 21.68
C SER C 64 2.47 -2.95 21.16
N ILE C 65 2.53 -4.08 20.46
CA ILE C 65 3.77 -4.58 19.85
C ILE C 65 3.44 -5.11 18.46
N ASN C 66 4.25 -4.74 17.47
CA ASN C 66 4.11 -5.26 16.11
C ASN C 66 4.51 -6.73 16.06
N GLY C 67 3.83 -7.49 15.21
CA GLY C 67 4.12 -8.92 15.13
C GLY C 67 5.56 -9.23 14.75
N LEU C 68 6.22 -8.36 13.98
CA LEU C 68 7.60 -8.67 13.64
C LEU C 68 8.48 -8.59 14.88
N GLU C 69 8.19 -7.64 15.78
CA GLU C 69 8.92 -7.56 17.03
CA GLU C 69 8.92 -7.56 17.03
C GLU C 69 8.57 -8.74 17.93
N ILE C 70 7.29 -9.14 17.97
CA ILE C 70 6.92 -10.34 18.73
C ILE C 70 7.75 -11.51 18.23
N CYS C 71 7.85 -11.65 16.92
CA CYS C 71 8.59 -12.74 16.30
C CYS C 71 10.05 -12.71 16.74
N ARG C 72 10.65 -11.51 16.71
CA ARG C 72 12.04 -11.37 17.15
CA ARG C 72 12.03 -11.37 17.15
C ARG C 72 12.20 -11.74 18.61
N LYS C 73 11.29 -11.30 19.47
CA LYS C 73 11.43 -11.58 20.89
C LYS C 73 11.20 -13.06 21.20
N ILE C 74 10.25 -13.71 20.52
CA ILE C 74 10.08 -15.15 20.73
C ILE C 74 11.36 -15.87 20.35
N ARG C 75 11.95 -15.49 19.21
CA ARG C 75 13.12 -16.19 18.71
C ARG C 75 14.36 -16.00 19.56
N GLN C 76 14.41 -14.98 20.44
CA GLN C 76 15.49 -14.90 21.42
C GLN C 76 15.49 -16.06 22.39
N GLN C 77 14.32 -16.62 22.66
CA GLN C 77 14.12 -17.58 23.72
C GLN C 77 13.67 -18.94 23.25
N GLN C 78 13.09 -19.04 22.05
CA GLN C 78 12.40 -20.26 21.65
C GLN C 78 12.62 -20.54 20.16
N SER C 79 12.64 -21.81 19.80
CA SER C 79 12.63 -22.25 18.42
C SER C 79 11.23 -22.62 17.92
N THR C 80 10.22 -22.32 18.73
CA THR C 80 8.83 -22.66 18.41
C THR C 80 8.45 -22.21 17.01
N PRO C 81 7.84 -23.08 16.22
CA PRO C 81 7.39 -22.68 14.87
C PRO C 81 6.45 -21.49 14.90
N ILE C 82 6.63 -20.60 13.93
CA ILE C 82 5.88 -19.36 13.80
C ILE C 82 5.38 -19.23 12.36
N ILE C 83 4.08 -18.99 12.19
CA ILE C 83 3.52 -18.62 10.90
C ILE C 83 3.01 -17.20 11.01
N ILE C 84 3.49 -16.31 10.14
CA ILE C 84 2.95 -14.96 10.06
C ILE C 84 1.74 -14.97 9.13
N ILE C 85 0.67 -14.31 9.54
CA ILE C 85 -0.46 -14.03 8.67
C ILE C 85 -0.66 -12.52 8.63
N THR C 86 -0.86 -11.95 7.43
CA THR C 86 -0.88 -10.49 7.38
C THR C 86 -1.37 -10.00 6.02
N ALA C 87 -2.01 -8.84 6.04
CA ALA C 87 -2.32 -8.13 4.80
C ALA C 87 -1.08 -7.56 4.13
N LYS C 88 0.07 -7.51 4.79
CA LYS C 88 1.28 -6.93 4.22
C LYS C 88 1.88 -7.88 3.19
N SER C 89 1.81 -7.51 1.91
CA SER C 89 2.11 -8.43 0.83
C SER C 89 3.40 -8.14 0.07
N ASP C 90 4.12 -7.07 0.42
CA ASP C 90 5.33 -6.72 -0.29
C ASP C 90 6.41 -7.76 0.01
N THR C 91 7.21 -8.08 -1.01
CA THR C 91 8.36 -8.95 -0.80
C THR C 91 9.22 -8.46 0.37
N TYR C 92 9.42 -7.14 0.49
CA TYR C 92 10.16 -6.59 1.63
C TYR C 92 9.64 -7.16 2.95
N ASP C 93 8.31 -7.20 3.10
CA ASP C 93 7.75 -7.62 4.38
C ASP C 93 7.80 -9.14 4.54
N LYS C 94 7.59 -9.89 3.46
CA LYS C 94 7.76 -11.34 3.50
C LYS C 94 9.17 -11.72 3.95
N VAL C 95 10.18 -11.13 3.30
CA VAL C 95 11.57 -11.42 3.62
C VAL C 95 11.89 -11.02 5.05
N ALA C 96 11.39 -9.85 5.50
CA ALA C 96 11.67 -9.41 6.87
C ALA C 96 11.13 -10.42 7.87
N GLY C 97 9.90 -10.87 7.66
CA GLY C 97 9.29 -11.81 8.59
C GLY C 97 10.00 -13.15 8.63
N LEU C 98 10.30 -13.70 7.46
CA LEU C 98 11.00 -14.97 7.42
C LEU C 98 12.40 -14.85 8.00
N ASP C 99 13.11 -13.76 7.67
CA ASP C 99 14.45 -13.62 8.24
C ASP C 99 14.45 -13.32 9.74
N TYR C 100 13.36 -12.80 10.32
CA TYR C 100 13.27 -12.69 11.76
C TYR C 100 12.98 -14.03 12.44
N GLY C 101 12.76 -15.10 11.66
CA GLY C 101 12.62 -16.44 12.21
C GLY C 101 11.27 -17.08 11.97
N ALA C 102 10.36 -16.42 11.29
CA ALA C 102 9.12 -17.08 10.95
C ALA C 102 9.41 -18.22 9.99
N ASP C 103 8.62 -19.29 10.12
CA ASP C 103 8.75 -20.46 9.28
C ASP C 103 7.92 -20.35 8.02
N ASP C 104 6.88 -19.52 8.03
CA ASP C 104 6.03 -19.31 6.87
C ASP C 104 5.37 -17.96 7.06
N TYR C 105 4.73 -17.48 5.97
CA TYR C 105 4.21 -16.12 5.88
C TYR C 105 3.11 -16.19 4.85
N ILE C 106 1.88 -15.94 5.28
CA ILE C 106 0.70 -16.09 4.45
C ILE C 106 0.03 -14.74 4.36
N VAL C 107 -0.27 -14.31 3.12
CA VAL C 107 -0.92 -13.04 2.87
C VAL C 107 -2.43 -13.21 2.98
N LYS C 108 -3.05 -12.31 3.75
CA LYS C 108 -4.49 -12.21 3.91
C LYS C 108 -5.09 -11.46 2.74
N PRO C 109 -6.31 -11.81 2.33
CA PRO C 109 -7.09 -12.93 2.86
C PRO C 109 -6.60 -14.25 2.29
N PHE C 110 -6.79 -15.34 3.05
CA PHE C 110 -6.39 -16.68 2.65
C PHE C 110 -7.47 -17.66 3.04
N ASP C 111 -7.42 -18.82 2.39
CA ASP C 111 -8.35 -19.90 2.66
C ASP C 111 -7.86 -20.72 3.84
N ILE C 112 -8.77 -21.04 4.76
CA ILE C 112 -8.39 -21.82 5.94
C ILE C 112 -7.65 -23.12 5.56
N GLU C 113 -8.08 -23.79 4.49
CA GLU C 113 -7.45 -25.05 4.09
C GLU C 113 -5.97 -24.85 3.84
N GLU C 114 -5.58 -23.71 3.26
CA GLU C 114 -4.17 -23.45 3.03
C GLU C 114 -3.41 -23.31 4.34
N LEU C 115 -3.94 -22.53 5.28
CA LEU C 115 -3.31 -22.42 6.60
C LEU C 115 -3.15 -23.79 7.26
N LEU C 116 -4.22 -24.60 7.21
CA LEU C 116 -4.15 -25.90 7.86
C LEU C 116 -3.07 -26.78 7.21
N ALA C 117 -2.95 -26.73 5.90
CA ALA C 117 -1.92 -27.52 5.21
C ALA C 117 -0.54 -27.04 5.58
N ARG C 118 -0.37 -25.72 5.71
CA ARG C 118 0.95 -25.19 6.08
C ARG C 118 1.30 -25.52 7.54
N ILE C 119 0.33 -25.48 8.47
CA ILE C 119 0.58 -25.97 9.81
C ILE C 119 1.06 -27.42 9.79
N ARG C 120 0.33 -28.31 9.08
CA ARG C 120 0.75 -29.71 9.00
C ARG C 120 2.16 -29.82 8.44
N ALA C 121 2.48 -29.03 7.42
CA ALA C 121 3.79 -29.17 6.77
C ALA C 121 4.91 -28.79 7.72
N ILE C 122 4.69 -27.74 8.49
CA ILE C 122 5.73 -27.30 9.42
C ILE C 122 5.85 -28.30 10.56
N LEU C 123 4.73 -28.78 11.09
CA LEU C 123 4.82 -29.63 12.26
C LEU C 123 5.30 -31.04 11.95
N ARG C 124 5.20 -31.46 10.69
CA ARG C 124 5.74 -32.74 10.22
C ARG C 124 7.18 -32.92 10.62
N ARG C 125 7.94 -31.83 10.56
CA ARG C 125 9.37 -31.89 10.80
C ARG C 125 9.75 -31.68 12.26
N GLN C 126 8.77 -31.57 13.16
CA GLN C 126 9.13 -31.48 14.58
C GLN C 126 9.17 -32.87 15.18
N PRO C 127 9.97 -33.08 16.23
CA PRO C 127 10.12 -34.40 16.87
C PRO C 127 8.84 -34.93 17.52
N HIS D 8 29.06 -26.12 -0.35
CA HIS D 8 27.93 -25.35 -0.94
C HIS D 8 26.63 -26.16 -0.97
N THR D 9 25.62 -25.60 -0.31
CA THR D 9 24.30 -26.23 -0.26
C THR D 9 23.87 -26.62 -1.67
N GLN D 10 23.40 -27.85 -1.84
CA GLN D 10 23.11 -28.42 -3.15
C GLN D 10 21.62 -28.41 -3.43
N ILE D 11 21.23 -27.83 -4.56
CA ILE D 11 19.83 -27.62 -4.95
C ILE D 11 19.59 -28.27 -6.29
N LEU D 12 18.47 -28.96 -6.42
CA LEU D 12 17.97 -29.46 -7.69
C LEU D 12 16.74 -28.66 -8.07
N ILE D 13 16.69 -28.15 -9.30
CA ILE D 13 15.52 -27.46 -9.82
C ILE D 13 14.96 -28.29 -10.96
N VAL D 14 13.68 -28.64 -10.88
CA VAL D 14 13.00 -29.36 -11.94
C VAL D 14 11.93 -28.43 -12.50
N GLU D 15 12.17 -27.91 -13.70
CA GLU D 15 11.35 -26.81 -14.24
C GLU D 15 11.50 -26.81 -15.76
N ASP D 16 10.37 -26.85 -16.47
CA ASP D 16 10.45 -26.97 -17.94
C ASP D 16 10.46 -25.62 -18.67
N GLU D 17 10.22 -24.52 -17.97
CA GLU D 17 10.41 -23.19 -18.56
C GLU D 17 11.87 -22.82 -18.42
N GLN D 18 12.61 -23.05 -19.49
CA GLN D 18 14.07 -22.98 -19.39
C GLN D 18 14.54 -21.58 -19.01
N ASN D 19 13.85 -20.54 -19.45
CA ASN D 19 14.31 -19.19 -19.11
C ASN D 19 14.20 -18.96 -17.61
N LEU D 20 13.10 -19.42 -17.00
CA LEU D 20 12.98 -19.33 -15.54
C LEU D 20 14.00 -20.22 -14.87
N ALA D 21 14.14 -21.46 -15.35
CA ALA D 21 15.12 -22.37 -14.76
C ALA D 21 16.51 -21.76 -14.75
N ARG D 22 16.93 -21.15 -15.86
CA ARG D 22 18.28 -20.59 -15.92
C ARG D 22 18.41 -19.38 -15.01
N PHE D 23 17.34 -18.59 -14.91
CA PHE D 23 17.34 -17.44 -14.02
C PHE D 23 17.49 -17.88 -12.56
N LEU D 24 16.67 -18.84 -12.14
CA LEU D 24 16.81 -19.37 -10.79
C LEU D 24 18.19 -19.99 -10.58
N GLU D 25 18.67 -20.75 -11.57
CA GLU D 25 19.96 -21.41 -11.44
C GLU D 25 21.08 -20.39 -11.18
N LEU D 26 21.14 -19.31 -11.97
CA LEU D 26 22.25 -18.38 -11.84
C LEU D 26 22.12 -17.53 -10.58
N GLU D 27 20.90 -17.08 -10.27
CA GLU D 27 20.65 -16.35 -9.03
C GLU D 27 21.05 -17.16 -7.81
N LEU D 28 20.69 -18.45 -7.78
CA LEU D 28 21.07 -19.27 -6.65
C LEU D 28 22.56 -19.49 -6.63
N THR D 29 23.18 -19.64 -7.81
CA THR D 29 24.62 -19.84 -7.85
C THR D 29 25.34 -18.63 -7.26
N HIS D 30 24.86 -17.45 -7.62
CA HIS D 30 25.40 -16.21 -7.07
C HIS D 30 25.27 -16.17 -5.55
N GLU D 31 24.28 -16.86 -4.98
CA GLU D 31 24.15 -16.95 -3.53
C GLU D 31 24.89 -18.14 -2.96
N ASN D 32 25.81 -18.72 -3.73
CA ASN D 32 26.71 -19.76 -3.28
C ASN D 32 26.01 -21.10 -3.08
N TYR D 33 24.93 -21.35 -3.82
CA TYR D 33 24.36 -22.68 -3.91
C TYR D 33 24.96 -23.38 -5.12
N ASN D 34 25.09 -24.69 -5.00
CA ASN D 34 25.49 -25.57 -6.09
C ASN D 34 24.22 -26.18 -6.68
N VAL D 35 23.92 -25.82 -7.93
CA VAL D 35 22.60 -26.05 -8.52
C VAL D 35 22.72 -27.03 -9.68
N ASP D 36 21.83 -28.02 -9.69
CA ASP D 36 21.57 -28.87 -10.84
C ASP D 36 20.15 -28.59 -11.32
N THR D 37 19.93 -28.68 -12.62
CA THR D 37 18.60 -28.48 -13.19
C THR D 37 18.26 -29.60 -14.16
N GLU D 38 16.97 -29.86 -14.27
CA GLU D 38 16.40 -30.76 -15.26
C GLU D 38 15.12 -30.15 -15.81
N TYR D 39 14.89 -30.28 -17.12
CA TYR D 39 13.74 -29.67 -17.77
C TYR D 39 12.61 -30.64 -18.02
N ASP D 40 12.81 -31.93 -17.70
CA ASP D 40 11.82 -32.98 -17.86
C ASP D 40 11.53 -33.61 -16.51
N GLY D 41 10.26 -33.98 -16.29
CA GLY D 41 9.85 -34.51 -14.99
C GLY D 41 10.46 -35.86 -14.66
N GLN D 42 10.56 -36.76 -15.64
CA GLN D 42 11.18 -38.06 -15.37
C GLN D 42 12.68 -37.89 -15.13
N ASP D 43 13.35 -37.07 -15.93
CA ASP D 43 14.77 -36.83 -15.69
C ASP D 43 14.98 -36.23 -14.32
N GLY D 44 14.09 -35.33 -13.91
CA GLY D 44 14.25 -34.67 -12.61
C GLY D 44 14.05 -35.64 -11.47
N LEU D 45 13.00 -36.48 -11.55
CA LEU D 45 12.80 -37.52 -10.55
C LEU D 45 13.99 -38.47 -10.50
N ASP D 46 14.43 -38.97 -11.67
CA ASP D 46 15.57 -39.86 -11.67
C ASP D 46 16.77 -39.21 -10.99
N LYS D 47 17.00 -37.93 -11.26
CA LYS D 47 18.15 -37.24 -10.70
C LYS D 47 18.01 -37.06 -9.19
N ALA D 48 16.81 -36.71 -8.72
CA ALA D 48 16.61 -36.57 -7.29
C ALA D 48 16.87 -37.89 -6.58
N LEU D 49 16.55 -39.02 -7.21
CA LEU D 49 16.68 -40.31 -6.56
C LEU D 49 18.07 -40.90 -6.68
N SER D 50 18.91 -40.39 -7.60
CA SER D 50 20.25 -40.91 -7.83
C SER D 50 21.33 -39.98 -7.36
N HIS D 51 21.00 -38.77 -6.90
CA HIS D 51 21.98 -37.76 -6.52
CA HIS D 51 21.99 -37.79 -6.50
C HIS D 51 21.53 -37.10 -5.24
N TYR D 52 22.49 -36.64 -4.44
CA TYR D 52 22.18 -36.00 -3.16
C TYR D 52 21.85 -34.52 -3.36
N TYR D 53 20.78 -34.04 -2.69
CA TYR D 53 20.50 -32.62 -2.61
C TYR D 53 20.08 -32.25 -1.20
N ASP D 54 20.40 -31.01 -0.83
CA ASP D 54 19.90 -30.42 0.41
C ASP D 54 18.47 -29.92 0.27
N LEU D 55 18.04 -29.54 -0.93
CA LEU D 55 16.70 -29.02 -1.13
C LEU D 55 16.39 -29.15 -2.60
N ILE D 56 15.13 -29.46 -2.91
CA ILE D 56 14.68 -29.68 -4.26
C ILE D 56 13.55 -28.69 -4.56
N ILE D 57 13.66 -28.00 -5.69
CA ILE D 57 12.64 -27.07 -6.17
C ILE D 57 11.90 -27.73 -7.32
N LEU D 58 10.59 -27.89 -7.19
CA LEU D 58 9.79 -28.66 -8.13
C LEU D 58 8.71 -27.78 -8.72
N ASP D 59 8.72 -27.67 -10.04
CA ASP D 59 7.57 -27.21 -10.80
C ASP D 59 6.53 -28.31 -10.83
N LEU D 60 5.28 -27.94 -11.12
CA LEU D 60 4.21 -28.93 -11.15
C LEU D 60 3.91 -29.42 -12.57
N MET D 61 3.61 -28.52 -13.50
CA MET D 61 3.26 -28.90 -14.87
C MET D 61 4.56 -29.12 -15.62
N LEU D 62 4.89 -30.38 -15.82
CA LEU D 62 6.14 -30.83 -16.42
C LEU D 62 5.87 -31.88 -17.48
N PRO D 63 6.77 -32.05 -18.43
CA PRO D 63 6.68 -33.21 -19.33
C PRO D 63 6.98 -34.51 -18.61
N SER D 64 6.30 -35.57 -19.07
CA SER D 64 6.54 -36.96 -18.66
C SER D 64 5.86 -37.32 -17.35
N ILE D 65 6.14 -36.59 -16.26
CA ILE D 65 5.49 -36.87 -14.99
C ILE D 65 5.26 -35.54 -14.28
N ASN D 66 4.09 -35.42 -13.65
CA ASN D 66 3.71 -34.22 -12.92
C ASN D 66 4.52 -34.05 -11.65
N GLY D 67 4.69 -32.78 -11.23
CA GLY D 67 5.40 -32.47 -10.00
C GLY D 67 4.82 -33.10 -8.75
N LEU D 68 3.49 -33.27 -8.67
CA LEU D 68 2.92 -33.90 -7.49
C LEU D 68 3.38 -35.34 -7.38
N GLU D 69 3.38 -36.05 -8.51
CA GLU D 69 3.86 -37.43 -8.52
C GLU D 69 5.36 -37.51 -8.22
N ILE D 70 6.14 -36.57 -8.76
CA ILE D 70 7.56 -36.51 -8.39
C ILE D 70 7.70 -36.33 -6.87
N CYS D 71 6.95 -35.39 -6.31
CA CYS D 71 6.99 -35.13 -4.88
C CYS D 71 6.68 -36.40 -4.09
N ARG D 72 5.61 -37.09 -4.46
CA ARG D 72 5.24 -38.32 -3.76
C ARG D 72 6.35 -39.35 -3.82
N LYS D 73 6.94 -39.55 -4.99
CA LYS D 73 7.96 -40.58 -5.12
C LYS D 73 9.24 -40.20 -4.40
N ILE D 74 9.62 -38.92 -4.39
CA ILE D 74 10.79 -38.52 -3.62
C ILE D 74 10.55 -38.77 -2.14
N ARG D 75 9.39 -38.34 -1.64
CA ARG D 75 9.06 -38.47 -0.23
C ARG D 75 9.01 -39.91 0.22
N GLN D 76 8.64 -40.81 -0.68
CA GLN D 76 8.63 -42.22 -0.33
C GLN D 76 9.99 -42.71 0.09
N GLN D 77 11.06 -42.10 -0.42
CA GLN D 77 12.44 -42.54 -0.20
C GLN D 77 13.30 -41.58 0.61
N GLN D 78 12.96 -40.29 0.67
CA GLN D 78 13.83 -39.26 1.20
C GLN D 78 13.03 -38.23 1.99
N SER D 79 13.70 -37.65 3.00
CA SER D 79 13.16 -36.54 3.77
C SER D 79 13.58 -35.17 3.21
N THR D 80 14.25 -35.15 2.07
CA THR D 80 14.81 -33.95 1.49
C THR D 80 13.77 -32.84 1.41
N PRO D 81 14.07 -31.64 1.91
CA PRO D 81 13.17 -30.50 1.73
C PRO D 81 12.80 -30.27 0.27
N ILE D 82 11.52 -29.94 0.06
CA ILE D 82 10.98 -29.67 -1.27
C ILE D 82 10.20 -28.36 -1.24
N ILE D 83 10.46 -27.49 -2.20
CA ILE D 83 9.63 -26.31 -2.42
C ILE D 83 8.99 -26.46 -3.79
N ILE D 84 7.67 -26.40 -3.84
CA ILE D 84 6.97 -26.35 -5.13
C ILE D 84 6.89 -24.91 -5.61
N ILE D 85 7.16 -24.71 -6.89
CA ILE D 85 6.87 -23.44 -7.56
C ILE D 85 5.95 -23.72 -8.73
N THR D 86 4.93 -22.88 -8.90
CA THR D 86 3.93 -23.24 -9.90
C THR D 86 3.00 -22.09 -10.16
N ALA D 87 2.45 -22.05 -11.39
CA ALA D 87 1.36 -21.12 -11.67
C ALA D 87 0.03 -21.61 -11.13
N LYS D 88 -0.06 -22.86 -10.69
CA LYS D 88 -1.30 -23.37 -10.13
C LYS D 88 -1.55 -22.73 -8.76
N SER D 89 -2.55 -21.86 -8.67
CA SER D 89 -2.81 -21.04 -7.50
C SER D 89 -4.06 -21.42 -6.73
N ASP D 90 -4.83 -22.41 -7.18
CA ASP D 90 -6.03 -22.78 -6.46
C ASP D 90 -5.69 -23.40 -5.11
N THR D 91 -6.55 -23.14 -4.13
CA THR D 91 -6.29 -23.69 -2.81
C THR D 91 -6.14 -25.20 -2.86
N TYR D 92 -6.96 -25.89 -3.65
CA TYR D 92 -6.86 -27.34 -3.73
C TYR D 92 -5.45 -27.78 -4.13
N ASP D 93 -4.85 -27.06 -5.08
CA ASP D 93 -3.52 -27.42 -5.57
C ASP D 93 -2.45 -27.13 -4.51
N LYS D 94 -2.59 -26.02 -3.78
CA LYS D 94 -1.64 -25.74 -2.69
C LYS D 94 -1.72 -26.83 -1.63
N VAL D 95 -2.95 -27.20 -1.24
CA VAL D 95 -3.15 -28.21 -0.21
C VAL D 95 -2.57 -29.56 -0.63
N ALA D 96 -2.82 -29.96 -1.89
CA ALA D 96 -2.30 -31.24 -2.35
C ALA D 96 -0.76 -31.25 -2.34
N GLY D 97 -0.15 -30.17 -2.81
CA GLY D 97 1.30 -30.15 -2.86
C GLY D 97 1.94 -30.27 -1.49
N LEU D 98 1.42 -29.52 -0.54
CA LEU D 98 1.93 -29.57 0.83
C LEU D 98 1.64 -30.94 1.45
N ASP D 99 0.43 -31.46 1.28
CA ASP D 99 0.09 -32.75 1.89
C ASP D 99 0.91 -33.88 1.29
N TYR D 100 1.33 -33.77 0.02
CA TYR D 100 2.13 -34.80 -0.64
C TYR D 100 3.60 -34.72 -0.24
N GLY D 101 4.00 -33.73 0.56
CA GLY D 101 5.34 -33.72 1.14
C GLY D 101 6.12 -32.44 0.97
N ALA D 102 5.61 -31.50 0.19
CA ALA D 102 6.35 -30.26 0.02
C ALA D 102 6.36 -29.48 1.31
N ASP D 103 7.45 -28.80 1.55
CA ASP D 103 7.60 -27.94 2.71
C ASP D 103 7.13 -26.52 2.48
N ASP D 104 7.06 -26.10 1.22
CA ASP D 104 6.52 -24.80 0.87
C ASP D 104 6.02 -24.91 -0.56
N TYR D 105 5.29 -23.87 -0.96
CA TYR D 105 4.56 -23.86 -2.23
C TYR D 105 4.45 -22.39 -2.60
N ILE D 106 5.06 -22.00 -3.70
CA ILE D 106 5.16 -20.61 -4.12
C ILE D 106 4.48 -20.45 -5.47
N VAL D 107 3.56 -19.52 -5.55
CA VAL D 107 2.82 -19.27 -6.79
C VAL D 107 3.62 -18.30 -7.64
N LYS D 108 3.78 -18.63 -8.91
CA LYS D 108 4.44 -17.81 -9.90
C LYS D 108 3.51 -16.71 -10.37
N PRO D 109 4.05 -15.53 -10.69
CA PRO D 109 5.46 -15.11 -10.56
C PRO D 109 5.79 -14.74 -9.13
N PHE D 110 7.05 -14.95 -8.78
CA PHE D 110 7.55 -14.57 -7.47
C PHE D 110 8.92 -13.91 -7.63
N ASP D 111 9.28 -13.10 -6.62
CA ASP D 111 10.56 -12.41 -6.57
C ASP D 111 11.62 -13.36 -6.04
N ILE D 112 12.82 -13.31 -6.63
CA ILE D 112 13.90 -14.17 -6.19
C ILE D 112 14.17 -13.99 -4.70
N GLU D 113 14.07 -12.77 -4.18
CA GLU D 113 14.33 -12.53 -2.78
C GLU D 113 13.39 -13.33 -1.88
N GLU D 114 12.15 -13.53 -2.32
CA GLU D 114 11.21 -14.32 -1.51
C GLU D 114 11.64 -15.78 -1.51
N LEU D 115 12.00 -16.31 -2.69
CA LEU D 115 12.47 -17.69 -2.75
C LEU D 115 13.69 -17.90 -1.87
N LEU D 116 14.65 -16.97 -1.93
CA LEU D 116 15.86 -17.13 -1.13
C LEU D 116 15.52 -17.15 0.36
N ALA D 117 14.62 -16.26 0.80
CA ALA D 117 14.23 -16.23 2.21
C ALA D 117 13.53 -17.51 2.61
N ARG D 118 12.69 -18.06 1.73
CA ARG D 118 12.00 -19.32 2.05
C ARG D 118 12.99 -20.49 2.08
N ILE D 119 13.97 -20.52 1.21
CA ILE D 119 15.01 -21.54 1.30
C ILE D 119 15.70 -21.45 2.65
N ARG D 120 16.09 -20.24 3.06
CA ARG D 120 16.74 -20.10 4.37
C ARG D 120 15.82 -20.63 5.48
N ALA D 121 14.54 -20.28 5.42
CA ALA D 121 13.63 -20.65 6.49
C ALA D 121 13.50 -22.16 6.60
N ILE D 122 13.40 -22.84 5.47
CA ILE D 122 13.24 -24.30 5.46
C ILE D 122 14.50 -24.99 5.93
N LEU D 123 15.66 -24.51 5.46
CA LEU D 123 16.91 -25.13 5.90
C LEU D 123 17.20 -24.86 7.36
N ARG D 124 16.50 -23.89 7.99
CA ARG D 124 16.70 -23.68 9.42
C ARG D 124 16.26 -24.89 10.21
N ARG D 125 15.22 -25.57 9.76
CA ARG D 125 14.71 -26.76 10.45
C ARG D 125 15.47 -28.02 10.07
N GLN D 126 16.73 -27.87 9.66
CA GLN D 126 17.59 -29.02 9.32
C GLN D 126 18.74 -29.12 10.31
N HIS E 8 20.50 6.19 34.78
CA HIS E 8 19.33 7.13 34.68
C HIS E 8 19.70 8.39 33.91
N THR E 9 18.91 8.69 32.89
CA THR E 9 19.19 9.76 31.93
C THR E 9 18.29 10.95 32.22
N GLN E 10 18.83 12.16 32.04
CA GLN E 10 18.16 13.41 32.44
C GLN E 10 17.62 14.13 31.21
N ILE E 11 16.31 14.41 31.20
CA ILE E 11 15.64 15.07 30.09
C ILE E 11 14.88 16.29 30.59
N LEU E 12 14.96 17.38 29.82
CA LEU E 12 14.16 18.57 30.02
C LEU E 12 13.15 18.71 28.90
N ILE E 13 11.90 19.00 29.25
CA ILE E 13 10.83 19.25 28.29
C ILE E 13 10.36 20.68 28.48
N VAL E 14 10.44 21.49 27.43
CA VAL E 14 9.87 22.83 27.42
C VAL E 14 8.69 22.81 26.46
N GLU E 15 7.49 22.78 27.04
CA GLU E 15 6.24 22.54 26.31
C GLU E 15 5.11 23.17 27.10
N ASP E 16 4.33 24.06 26.46
CA ASP E 16 3.25 24.77 27.13
C ASP E 16 1.91 24.08 27.03
N GLU E 17 1.85 22.87 26.45
CA GLU E 17 0.60 22.14 26.34
C GLU E 17 0.66 20.99 27.35
N GLN E 18 -0.07 21.17 28.45
CA GLN E 18 0.15 20.35 29.63
C GLN E 18 -0.35 18.94 29.45
N ASN E 19 -1.34 18.73 28.59
CA ASN E 19 -1.78 17.37 28.33
C ASN E 19 -0.69 16.57 27.63
N LEU E 20 -0.03 17.18 26.65
CA LEU E 20 1.09 16.54 25.97
C LEU E 20 2.31 16.45 26.88
N ALA E 21 2.63 17.53 27.60
CA ALA E 21 3.73 17.51 28.54
C ALA E 21 3.60 16.38 29.56
N ARG E 22 2.39 16.17 30.10
CA ARG E 22 2.19 15.09 31.07
C ARG E 22 2.36 13.74 30.40
N PHE E 23 1.76 13.57 29.21
CA PHE E 23 1.94 12.36 28.43
C PHE E 23 3.43 12.08 28.20
N LEU E 24 4.18 13.09 27.75
CA LEU E 24 5.59 12.88 27.50
C LEU E 24 6.34 12.58 28.79
N GLU E 25 6.04 13.31 29.87
CA GLU E 25 6.71 13.01 31.13
C GLU E 25 6.46 11.57 31.56
N LEU E 26 5.19 11.13 31.50
CA LEU E 26 4.84 9.76 31.91
C LEU E 26 5.59 8.72 31.09
N GLU E 27 5.56 8.87 29.77
CA GLU E 27 6.17 7.85 28.91
C GLU E 27 7.68 7.84 29.06
N LEU E 28 8.30 9.02 29.13
CA LEU E 28 9.73 9.06 29.34
C LEU E 28 10.11 8.47 30.69
N THR E 29 9.33 8.78 31.73
CA THR E 29 9.58 8.19 33.05
C THR E 29 9.50 6.67 32.99
N HIS E 30 8.45 6.15 32.34
CA HIS E 30 8.35 4.71 32.11
C HIS E 30 9.63 4.12 31.50
N GLU E 31 10.39 4.92 30.74
CA GLU E 31 11.61 4.40 30.12
C GLU E 31 12.85 4.67 30.96
N ASN E 32 12.68 5.11 32.20
CA ASN E 32 13.79 5.31 33.13
C ASN E 32 14.58 6.56 32.79
N TYR E 33 13.89 7.55 32.21
CA TYR E 33 14.42 8.90 32.12
C TYR E 33 13.91 9.71 33.33
N ASN E 34 14.78 10.53 33.90
CA ASN E 34 14.37 11.56 34.85
C ASN E 34 13.98 12.81 34.08
N VAL E 35 12.74 13.25 34.23
CA VAL E 35 12.11 14.29 33.42
C VAL E 35 11.83 15.52 34.25
N ASP E 36 12.30 16.67 33.78
CA ASP E 36 11.86 17.97 34.23
C ASP E 36 11.02 18.63 33.12
N THR E 37 10.08 19.46 33.53
CA THR E 37 9.25 20.18 32.58
C THR E 37 9.14 21.65 32.96
N GLU E 38 8.93 22.47 31.93
CA GLU E 38 8.69 23.90 32.05
C GLU E 38 7.71 24.30 30.96
N TYR E 39 6.76 25.16 31.32
CA TYR E 39 5.70 25.60 30.43
C TYR E 39 5.95 26.98 29.84
N ASP E 40 7.00 27.66 30.28
CA ASP E 40 7.34 28.99 29.80
C ASP E 40 8.70 28.96 29.12
N GLY E 41 8.81 29.64 27.98
CA GLY E 41 10.04 29.63 27.23
C GLY E 41 11.22 30.18 28.02
N GLN E 42 10.99 31.22 28.82
CA GLN E 42 12.11 31.79 29.56
C GLN E 42 12.47 30.92 30.76
N ASP E 43 11.48 30.35 31.42
CA ASP E 43 11.78 29.39 32.48
C ASP E 43 12.53 28.19 31.91
N GLY E 44 12.15 27.73 30.72
CA GLY E 44 12.82 26.59 30.10
C GLY E 44 14.28 26.88 29.80
N LEU E 45 14.54 28.02 29.14
CA LEU E 45 15.92 28.45 28.90
C LEU E 45 16.71 28.53 30.19
N ASP E 46 16.18 29.25 31.21
CA ASP E 46 16.90 29.39 32.47
C ASP E 46 17.25 28.03 33.04
N LYS E 47 16.30 27.10 33.01
CA LYS E 47 16.55 25.76 33.52
C LYS E 47 17.59 25.03 32.68
N ALA E 48 17.50 25.15 31.35
CA ALA E 48 18.48 24.50 30.49
C ALA E 48 19.89 24.97 30.81
N LEU E 49 20.05 26.28 31.02
CA LEU E 49 21.38 26.85 31.23
C LEU E 49 21.88 26.63 32.66
N SER E 50 20.99 26.32 33.60
CA SER E 50 21.36 26.18 35.00
C SER E 50 21.43 24.73 35.47
N HIS E 51 20.85 23.78 34.75
CA HIS E 51 20.86 22.38 35.15
C HIS E 51 21.48 21.54 34.05
N TYR E 52 21.94 20.34 34.42
CA TYR E 52 22.53 19.42 33.46
C TYR E 52 21.44 18.55 32.86
N TYR E 53 21.44 18.44 31.53
CA TYR E 53 20.55 17.51 30.86
C TYR E 53 21.31 16.71 29.83
N ASP E 54 20.87 15.47 29.66
CA ASP E 54 21.40 14.64 28.60
C ASP E 54 20.75 15.00 27.26
N LEU E 55 19.49 15.45 27.31
CA LEU E 55 18.77 15.84 26.10
C LEU E 55 17.65 16.77 26.51
N ILE E 56 17.38 17.76 25.64
CA ILE E 56 16.35 18.76 25.84
C ILE E 56 15.35 18.67 24.69
N ILE E 57 14.07 18.60 25.04
CA ILE E 57 12.97 18.61 24.07
C ILE E 57 12.35 20.00 24.10
N LEU E 58 12.27 20.64 22.94
CA LEU E 58 11.84 22.04 22.82
C LEU E 58 10.63 22.15 21.91
N ASP E 59 9.52 22.63 22.46
CA ASP E 59 8.46 23.16 21.62
C ASP E 59 8.91 24.50 21.03
N LEU E 60 8.27 24.91 19.93
CA LEU E 60 8.68 26.19 19.34
C LEU E 60 7.82 27.35 19.83
N MET E 61 6.50 27.20 19.80
CA MET E 61 5.57 28.27 20.17
C MET E 61 5.40 28.23 21.69
N LEU E 62 6.03 29.17 22.36
CA LEU E 62 6.12 29.18 23.80
C LEU E 62 5.86 30.59 24.32
N PRO E 63 5.38 30.73 25.54
CA PRO E 63 5.32 32.05 26.16
C PRO E 63 6.72 32.61 26.43
N SER E 64 6.81 33.94 26.38
CA SER E 64 8.00 34.69 26.77
C SER E 64 9.07 34.64 25.69
N ILE E 65 9.56 33.45 25.36
CA ILE E 65 10.58 33.30 24.33
C ILE E 65 10.28 32.02 23.56
N ASN E 66 10.43 32.08 22.24
CA ASN E 66 10.13 30.94 21.39
C ASN E 66 11.30 29.96 21.34
N GLY E 67 10.99 28.73 20.92
CA GLY E 67 11.98 27.66 21.01
C GLY E 67 13.15 27.82 20.05
N LEU E 68 12.93 28.50 18.93
CA LEU E 68 14.05 28.76 18.04
C LEU E 68 15.08 29.67 18.72
N GLU E 69 14.63 30.69 19.45
CA GLU E 69 15.57 31.50 20.20
C GLU E 69 16.20 30.71 21.35
N ILE E 70 15.41 29.88 22.04
CA ILE E 70 15.94 29.06 23.12
C ILE E 70 17.04 28.14 22.60
N CYS E 71 16.77 27.49 21.47
CA CYS E 71 17.73 26.59 20.86
C CYS E 71 19.03 27.31 20.56
N ARG E 72 18.92 28.46 19.90
CA ARG E 72 20.09 29.26 19.59
C ARG E 72 20.89 29.62 20.85
N LYS E 73 20.20 29.99 21.92
CA LYS E 73 20.90 30.44 23.12
C LYS E 73 21.54 29.29 23.92
N ILE E 74 20.89 28.12 23.96
CA ILE E 74 21.52 26.95 24.55
C ILE E 74 22.80 26.60 23.79
N ARG E 75 22.74 26.63 22.46
CA ARG E 75 23.89 26.22 21.64
C ARG E 75 25.09 27.14 21.77
N GLN E 76 24.88 28.44 22.01
CA GLN E 76 26.01 29.31 22.35
C GLN E 76 26.83 28.74 23.49
N GLN E 77 26.19 27.99 24.38
CA GLN E 77 26.76 27.63 25.67
C GLN E 77 27.02 26.14 25.84
N GLN E 78 26.27 25.29 25.16
CA GLN E 78 26.26 23.86 25.46
C GLN E 78 26.17 23.07 24.16
N SER E 79 26.65 21.83 24.21
CA SER E 79 26.48 20.90 23.11
C SER E 79 25.33 19.94 23.35
N THR E 80 24.57 20.15 24.43
CA THR E 80 23.48 19.27 24.82
C THR E 80 22.57 18.95 23.63
N PRO E 81 22.28 17.68 23.37
CA PRO E 81 21.30 17.34 22.34
C PRO E 81 19.96 18.04 22.53
N ILE E 82 19.38 18.50 21.43
CA ILE E 82 18.08 19.16 21.40
C ILE E 82 17.21 18.47 20.34
N ILE E 83 15.99 18.12 20.71
CA ILE E 83 14.94 17.72 19.79
C ILE E 83 13.84 18.77 19.82
N ILE E 84 13.51 19.34 18.67
CA ILE E 84 12.38 20.25 18.56
C ILE E 84 11.14 19.44 18.25
N ILE E 85 10.05 19.73 18.97
CA ILE E 85 8.73 19.18 18.63
C ILE E 85 7.83 20.37 18.39
N THR E 86 7.00 20.31 17.35
CA THR E 86 6.23 21.52 17.07
C THR E 86 5.10 21.24 16.11
N ALA E 87 4.09 22.11 16.18
CA ALA E 87 3.05 22.09 15.18
C ALA E 87 3.42 22.89 13.94
N LYS E 88 4.47 23.70 13.99
CA LYS E 88 5.03 24.34 12.80
C LYS E 88 5.61 23.26 11.90
N SER E 89 5.01 23.04 10.73
CA SER E 89 5.41 21.95 9.86
C SER E 89 6.01 22.42 8.55
N ASP E 90 6.12 23.73 8.33
CA ASP E 90 6.73 24.24 7.11
C ASP E 90 8.19 23.81 7.03
N THR E 91 8.64 23.51 5.81
CA THR E 91 10.04 23.13 5.63
C THR E 91 10.98 24.21 6.14
N TYR E 92 10.67 25.49 5.89
CA TYR E 92 11.56 26.56 6.33
C TYR E 92 11.79 26.51 7.83
N ASP E 93 10.74 26.17 8.59
CA ASP E 93 10.87 26.10 10.04
C ASP E 93 11.76 24.93 10.44
N LYS E 94 11.63 23.79 9.74
CA LYS E 94 12.48 22.64 10.04
C LYS E 94 13.94 22.99 9.82
N VAL E 95 14.24 23.60 8.67
CA VAL E 95 15.61 23.96 8.29
C VAL E 95 16.18 24.92 9.32
N ALA E 96 15.39 25.91 9.71
CA ALA E 96 15.87 26.89 10.68
C ALA E 96 16.20 26.22 12.02
N GLY E 97 15.29 25.37 12.50
CA GLY E 97 15.52 24.71 13.78
C GLY E 97 16.78 23.85 13.77
N LEU E 98 16.96 23.04 12.71
CA LEU E 98 18.15 22.22 12.63
C LEU E 98 19.40 23.09 12.50
N ASP E 99 19.35 24.09 11.63
CA ASP E 99 20.53 24.92 11.44
C ASP E 99 20.88 25.71 12.70
N TYR E 100 19.88 26.07 13.51
CA TYR E 100 20.15 26.77 14.76
C TYR E 100 20.66 25.85 15.86
N GLY E 101 20.68 24.55 15.61
CA GLY E 101 21.43 23.66 16.47
C GLY E 101 20.71 22.42 16.95
N ALA E 102 19.44 22.29 16.60
CA ALA E 102 18.69 21.13 16.99
C ALA E 102 19.24 19.90 16.28
N ASP E 103 19.19 18.76 16.97
CA ASP E 103 19.59 17.49 16.39
C ASP E 103 18.48 16.77 15.66
N ASP E 104 17.24 17.09 15.98
CA ASP E 104 16.10 16.51 15.30
C ASP E 104 14.93 17.45 15.50
N TYR E 105 13.87 17.17 14.78
CA TYR E 105 12.74 18.08 14.60
C TYR E 105 11.57 17.20 14.22
N ILE E 106 10.56 17.14 15.07
CA ILE E 106 9.44 16.23 14.91
C ILE E 106 8.17 17.05 14.86
N VAL E 107 7.37 16.80 13.84
CA VAL E 107 6.12 17.53 13.65
C VAL E 107 5.01 16.82 14.41
N LYS E 108 4.17 17.59 15.08
CA LYS E 108 3.04 17.11 15.88
C LYS E 108 1.81 16.98 15.00
N PRO E 109 0.97 15.95 15.22
CA PRO E 109 1.12 14.88 16.20
C PRO E 109 2.10 13.80 15.80
N PHE E 110 2.70 13.17 16.81
CA PHE E 110 3.62 12.07 16.60
C PHE E 110 3.33 11.01 17.66
N ASP E 111 3.69 9.78 17.31
CA ASP E 111 3.64 8.65 18.23
C ASP E 111 4.83 8.67 19.17
N ILE E 112 4.54 8.43 20.46
CA ILE E 112 5.59 8.44 21.46
C ILE E 112 6.73 7.49 21.11
N GLU E 113 6.45 6.34 20.47
CA GLU E 113 7.50 5.38 20.18
C GLU E 113 8.52 5.99 19.23
N GLU E 114 8.07 6.86 18.32
CA GLU E 114 9.00 7.51 17.39
C GLU E 114 9.91 8.47 18.15
N LEU E 115 9.33 9.30 19.02
CA LEU E 115 10.16 10.17 19.84
C LEU E 115 11.17 9.37 20.64
N LEU E 116 10.73 8.28 21.28
CA LEU E 116 11.64 7.52 22.10
C LEU E 116 12.79 6.97 21.28
N ALA E 117 12.51 6.50 20.05
CA ALA E 117 13.56 5.95 19.21
C ALA E 117 14.51 7.03 18.74
N ARG E 118 13.99 8.23 18.48
CA ARG E 118 14.87 9.34 18.09
C ARG E 118 15.73 9.80 19.27
N ILE E 119 15.21 9.77 20.50
CA ILE E 119 16.04 10.02 21.67
C ILE E 119 17.18 8.99 21.75
N ARG E 120 16.85 7.71 21.62
CA ARG E 120 17.90 6.70 21.71
C ARG E 120 18.94 6.88 20.60
N ALA E 121 18.51 7.23 19.41
CA ALA E 121 19.46 7.33 18.30
C ALA E 121 20.45 8.45 18.53
N ILE E 122 20.01 9.57 19.08
CA ILE E 122 20.93 10.65 19.38
C ILE E 122 21.84 10.29 20.53
N LEU E 123 21.30 9.64 21.57
CA LEU E 123 22.11 9.36 22.75
C LEU E 123 23.07 8.18 22.55
N ARG E 124 22.78 7.28 21.61
CA ARG E 124 23.76 6.27 21.20
C ARG E 124 25.14 6.86 20.93
N ARG E 125 25.20 8.10 20.44
CA ARG E 125 26.46 8.77 20.14
C ARG E 125 26.92 9.69 21.27
N HIS F 7 39.38 15.67 0.14
CA HIS F 7 39.10 16.84 1.03
C HIS F 7 37.60 17.15 1.06
N HIS F 8 36.81 16.30 0.40
CA HIS F 8 35.37 16.43 0.36
C HIS F 8 34.71 15.40 1.26
N THR F 9 33.57 15.79 1.81
CA THR F 9 32.69 14.85 2.49
C THR F 9 32.08 13.88 1.47
N GLN F 10 32.13 12.59 1.81
CA GLN F 10 31.79 11.52 0.88
C GLN F 10 30.48 10.87 1.32
N ILE F 11 29.50 10.81 0.42
CA ILE F 11 28.19 10.26 0.70
C ILE F 11 27.93 9.10 -0.26
N LEU F 12 27.33 8.03 0.27
CA LEU F 12 26.86 6.90 -0.52
C LEU F 12 25.35 6.93 -0.43
N ILE F 13 24.67 6.81 -1.57
CA ILE F 13 23.22 6.69 -1.63
C ILE F 13 22.86 5.33 -2.19
N VAL F 14 22.02 4.58 -1.49
CA VAL F 14 21.54 3.28 -1.97
C VAL F 14 20.04 3.43 -2.18
N GLU F 15 19.61 3.44 -3.44
CA GLU F 15 18.25 3.87 -3.82
C GLU F 15 17.94 3.27 -5.18
N ASP F 16 16.83 2.54 -5.29
CA ASP F 16 16.51 1.90 -6.55
C ASP F 16 15.62 2.74 -7.47
N GLU F 17 15.01 3.83 -6.97
CA GLU F 17 14.31 4.75 -7.85
C GLU F 17 15.39 5.63 -8.48
N GLN F 18 15.83 5.30 -9.68
CA GLN F 18 16.99 5.97 -10.27
C GLN F 18 16.79 7.47 -10.50
N ASN F 19 15.58 7.91 -10.82
CA ASN F 19 15.36 9.33 -10.99
C ASN F 19 15.62 10.08 -9.67
N LEU F 20 15.16 9.51 -8.56
CA LEU F 20 15.41 10.15 -7.27
C LEU F 20 16.89 10.10 -6.93
N ALA F 21 17.51 8.94 -7.14
CA ALA F 21 18.94 8.80 -6.85
C ALA F 21 19.75 9.84 -7.61
N ARG F 22 19.47 10.01 -8.92
CA ARG F 22 20.21 10.98 -9.71
C ARG F 22 19.92 12.41 -9.27
N PHE F 23 18.67 12.71 -8.88
CA PHE F 23 18.37 14.05 -8.39
C PHE F 23 19.12 14.36 -7.09
N LEU F 24 19.06 13.44 -6.13
CA LEU F 24 19.78 13.64 -4.86
C LEU F 24 21.28 13.75 -5.10
N GLU F 25 21.80 12.95 -6.01
CA GLU F 25 23.21 13.06 -6.37
C GLU F 25 23.55 14.47 -6.86
N LEU F 26 22.76 14.99 -7.80
CA LEU F 26 22.96 16.35 -8.30
C LEU F 26 22.86 17.37 -7.17
N GLU F 27 21.81 17.28 -6.35
CA GLU F 27 21.63 18.30 -5.32
C GLU F 27 22.74 18.26 -4.28
N LEU F 28 23.12 17.05 -3.88
CA LEU F 28 24.18 16.96 -2.87
C LEU F 28 25.52 17.35 -3.46
N THR F 29 25.75 17.06 -4.74
CA THR F 29 27.02 17.46 -5.35
C THR F 29 27.14 18.99 -5.35
N HIS F 30 26.03 19.68 -5.61
CA HIS F 30 26.01 21.14 -5.59
C HIS F 30 26.27 21.70 -4.18
N GLU F 31 26.10 20.90 -3.12
CA GLU F 31 26.47 21.30 -1.78
C GLU F 31 27.88 20.92 -1.42
N ASN F 32 28.68 20.53 -2.41
CA ASN F 32 30.10 20.21 -2.26
C ASN F 32 30.34 18.85 -1.63
N TYR F 33 29.38 17.94 -1.71
CA TYR F 33 29.60 16.55 -1.32
C TYR F 33 30.04 15.75 -2.53
N ASN F 34 30.86 14.73 -2.32
CA ASN F 34 31.20 13.78 -3.37
CA ASN F 34 31.21 13.77 -3.37
C ASN F 34 30.36 12.52 -3.17
N VAL F 35 29.52 12.21 -4.17
CA VAL F 35 28.46 11.22 -4.02
C VAL F 35 28.70 10.00 -4.89
N ASP F 36 28.59 8.83 -4.29
CA ASP F 36 28.47 7.55 -4.97
C ASP F 36 27.02 7.05 -4.82
N THR F 37 26.51 6.37 -5.84
CA THR F 37 25.18 5.79 -5.79
C THR F 37 25.20 4.32 -6.20
N GLU F 38 24.32 3.54 -5.58
CA GLU F 38 24.07 2.17 -5.99
C GLU F 38 22.57 1.96 -6.02
N TYR F 39 22.10 1.24 -7.04
CA TYR F 39 20.67 1.02 -7.23
C TYR F 39 20.21 -0.35 -6.74
N ASP F 40 21.11 -1.22 -6.34
CA ASP F 40 20.82 -2.53 -5.80
C ASP F 40 21.28 -2.62 -4.36
N GLY F 41 20.49 -3.30 -3.51
CA GLY F 41 20.79 -3.38 -2.09
C GLY F 41 22.08 -4.09 -1.79
N GLN F 42 22.37 -5.18 -2.49
CA GLN F 42 23.60 -5.92 -2.21
C GLN F 42 24.81 -5.14 -2.71
N ASP F 43 24.70 -4.52 -3.89
CA ASP F 43 25.79 -3.67 -4.37
C ASP F 43 26.07 -2.54 -3.40
N GLY F 44 24.99 -1.98 -2.83
CA GLY F 44 25.12 -0.89 -1.88
C GLY F 44 25.81 -1.30 -0.61
N LEU F 45 25.36 -2.42 -0.04
CA LEU F 45 26.00 -2.96 1.16
C LEU F 45 27.46 -3.26 0.88
N ASP F 46 27.74 -3.93 -0.23
CA ASP F 46 29.13 -4.24 -0.56
C ASP F 46 29.97 -2.96 -0.62
N LYS F 47 29.42 -1.90 -1.22
CA LYS F 47 30.18 -0.67 -1.35
C LYS F 47 30.44 -0.04 0.04
N ALA F 48 29.40 -0.02 0.91
CA ALA F 48 29.53 0.54 2.24
C ALA F 48 30.54 -0.22 3.08
N LEU F 49 30.63 -1.55 2.92
CA LEU F 49 31.53 -2.35 3.73
C LEU F 49 32.95 -2.39 3.19
N SER F 50 33.23 -1.80 2.04
CA SER F 50 34.57 -1.80 1.50
C SER F 50 35.20 -0.42 1.45
N HIS F 51 34.49 0.61 1.90
CA HIS F 51 34.99 1.97 1.90
C HIS F 51 34.24 2.73 2.98
N TYR F 52 34.96 3.55 3.73
CA TYR F 52 34.38 4.35 4.80
C TYR F 52 33.86 5.65 4.20
N TYR F 53 32.56 5.77 4.13
CA TYR F 53 31.93 7.02 3.77
C TYR F 53 31.74 7.88 5.00
N ASP F 54 31.44 9.16 4.77
CA ASP F 54 31.13 10.06 5.86
C ASP F 54 29.66 10.02 6.23
N LEU F 55 28.79 9.61 5.29
CA LEU F 55 27.38 9.46 5.58
C LEU F 55 26.78 8.58 4.48
N ILE F 56 25.85 7.73 4.88
CA ILE F 56 25.18 6.81 3.99
C ILE F 56 23.69 7.09 4.06
N ILE F 57 23.08 7.27 2.88
CA ILE F 57 21.64 7.43 2.72
C ILE F 57 21.09 6.13 2.16
N LEU F 58 20.15 5.53 2.89
CA LEU F 58 19.60 4.21 2.54
C LEU F 58 18.10 4.29 2.33
N ASP F 59 17.68 3.85 1.16
CA ASP F 59 16.30 3.44 0.91
C ASP F 59 16.02 2.10 1.63
N LEU F 60 14.73 1.80 1.86
CA LEU F 60 14.36 0.52 2.48
C LEU F 60 13.95 -0.55 1.48
N MET F 61 12.96 -0.28 0.62
CA MET F 61 12.52 -1.29 -0.37
C MET F 61 13.50 -1.27 -1.55
N LEU F 62 14.39 -2.25 -1.55
CA LEU F 62 15.48 -2.37 -2.50
C LEU F 62 15.53 -3.78 -3.05
N PRO F 63 16.04 -3.92 -4.26
CA PRO F 63 16.36 -5.26 -4.75
C PRO F 63 17.45 -5.89 -3.91
N SER F 64 17.39 -7.23 -3.82
CA SER F 64 18.39 -8.10 -3.24
C SER F 64 18.40 -8.16 -1.72
N ILE F 65 18.47 -7.01 -1.04
CA ILE F 65 18.57 -6.91 0.42
C ILE F 65 17.73 -5.73 0.87
N ASN F 66 16.89 -5.95 1.89
CA ASN F 66 16.14 -4.87 2.54
C ASN F 66 17.10 -3.84 3.15
N GLY F 67 16.73 -2.56 3.05
CA GLY F 67 17.61 -1.52 3.57
C GLY F 67 17.83 -1.60 5.08
N LEU F 68 16.87 -2.17 5.79
CA LEU F 68 17.04 -2.34 7.24
C LEU F 68 18.17 -3.30 7.55
N GLU F 69 18.33 -4.34 6.71
CA GLU F 69 19.43 -5.28 6.85
C GLU F 69 20.74 -4.60 6.50
N ILE F 70 20.72 -3.72 5.48
CA ILE F 70 21.92 -2.97 5.14
C ILE F 70 22.32 -2.09 6.32
N CYS F 71 21.34 -1.39 6.89
CA CYS F 71 21.59 -0.51 8.03
C CYS F 71 22.22 -1.29 9.17
N ARG F 72 21.60 -2.41 9.52
CA ARG F 72 22.09 -3.23 10.62
C ARG F 72 23.53 -3.67 10.35
N LYS F 73 23.81 -4.13 9.14
CA LYS F 73 25.13 -4.68 8.87
C LYS F 73 26.21 -3.62 8.83
N ILE F 74 25.88 -2.41 8.37
CA ILE F 74 26.83 -1.31 8.45
C ILE F 74 27.08 -0.93 9.91
N ARG F 75 26.03 -0.75 10.71
CA ARG F 75 26.23 -0.25 12.06
C ARG F 75 26.93 -1.28 12.95
N GLN F 76 26.79 -2.56 12.63
CA GLN F 76 27.53 -3.60 13.35
C GLN F 76 29.02 -3.34 13.32
N GLN F 77 29.53 -2.81 12.20
CA GLN F 77 30.97 -2.70 11.94
C GLN F 77 31.50 -1.28 11.84
N GLN F 78 30.65 -0.25 11.86
CA GLN F 78 31.08 1.11 11.58
C GLN F 78 30.30 2.07 12.45
N SER F 79 30.89 3.24 12.70
CA SER F 79 30.17 4.35 13.31
C SER F 79 29.54 5.27 12.27
N THR F 80 29.67 4.92 11.00
CA THR F 80 29.25 5.79 9.89
C THR F 80 27.83 6.29 10.07
N PRO F 81 27.60 7.61 9.99
CA PRO F 81 26.21 8.11 10.00
C PRO F 81 25.35 7.52 8.88
N ILE F 82 24.09 7.25 9.23
CA ILE F 82 23.11 6.67 8.32
C ILE F 82 21.83 7.48 8.40
N ILE F 83 21.30 7.86 7.23
CA ILE F 83 19.94 8.43 7.12
C ILE F 83 19.13 7.49 6.24
N ILE F 84 17.97 7.02 6.77
CA ILE F 84 17.03 6.25 5.97
C ILE F 84 16.08 7.22 5.29
N ILE F 85 15.83 6.99 4.01
CA ILE F 85 14.77 7.66 3.26
C ILE F 85 13.83 6.58 2.71
N THR F 86 12.51 6.78 2.82
CA THR F 86 11.64 5.68 2.44
C THR F 86 10.18 6.15 2.35
N ALA F 87 9.42 5.46 1.50
CA ALA F 87 7.97 5.62 1.51
C ALA F 87 7.30 4.95 2.70
N LYS F 88 8.00 4.06 3.40
CA LYS F 88 7.44 3.37 4.57
C LYS F 88 7.30 4.34 5.72
N SER F 89 6.06 4.66 6.09
CA SER F 89 5.80 5.69 7.08
C SER F 89 5.19 5.18 8.38
N ASP F 90 4.94 3.87 8.52
CA ASP F 90 4.39 3.37 9.78
C ASP F 90 5.39 3.61 10.92
N THR F 91 4.87 3.86 12.11
CA THR F 91 5.76 4.07 13.26
C THR F 91 6.67 2.88 13.48
N TYR F 92 6.17 1.67 13.24
CA TYR F 92 7.02 0.50 13.50
C TYR F 92 8.28 0.54 12.64
N ASP F 93 8.15 0.94 11.38
CA ASP F 93 9.32 0.91 10.50
C ASP F 93 10.28 2.04 10.85
N LYS F 94 9.77 3.17 11.34
CA LYS F 94 10.64 4.26 11.82
C LYS F 94 11.45 3.80 13.02
N VAL F 95 10.78 3.21 14.00
CA VAL F 95 11.45 2.74 15.20
C VAL F 95 12.47 1.66 14.88
N ALA F 96 12.09 0.69 14.03
CA ALA F 96 13.04 -0.37 13.72
C ALA F 96 14.28 0.17 13.02
N GLY F 97 14.10 1.15 12.12
CA GLY F 97 15.24 1.71 11.39
C GLY F 97 16.18 2.47 12.30
N LEU F 98 15.62 3.33 13.14
CA LEU F 98 16.41 4.06 14.13
C LEU F 98 17.10 3.09 15.09
N ASP F 99 16.37 2.09 15.57
CA ASP F 99 16.96 1.18 16.54
C ASP F 99 18.07 0.32 15.95
N TYR F 100 17.98 0.03 14.65
CA TYR F 100 19.03 -0.74 13.99
C TYR F 100 20.24 0.08 13.57
N GLY F 101 20.25 1.37 13.86
CA GLY F 101 21.46 2.15 13.73
C GLY F 101 21.29 3.45 12.94
N ALA F 102 20.14 3.69 12.33
CA ALA F 102 19.98 4.93 11.60
C ALA F 102 19.98 6.12 12.54
N ASP F 103 20.61 7.21 12.08
CA ASP F 103 20.63 8.46 12.81
C ASP F 103 19.41 9.32 12.56
N ASP F 104 18.80 9.15 11.40
CA ASP F 104 17.59 9.85 11.04
C ASP F 104 16.85 8.99 10.03
N TYR F 105 15.60 9.36 9.81
CA TYR F 105 14.62 8.58 9.05
C TYR F 105 13.64 9.59 8.46
N ILE F 106 13.60 9.70 7.15
CA ILE F 106 12.83 10.72 6.45
C ILE F 106 11.86 10.01 5.54
N VAL F 107 10.58 10.36 5.67
CA VAL F 107 9.52 9.78 4.83
C VAL F 107 9.41 10.55 3.53
N LYS F 108 9.35 9.80 2.41
CA LYS F 108 9.13 10.35 1.09
C LYS F 108 7.67 10.67 0.89
N PRO F 109 7.36 11.74 0.15
CA PRO F 109 8.25 12.75 -0.39
C PRO F 109 8.71 13.74 0.65
N PHE F 110 9.90 14.27 0.45
CA PHE F 110 10.46 15.31 1.29
C PHE F 110 11.08 16.39 0.40
N ASP F 111 11.23 17.58 0.97
CA ASP F 111 11.90 18.68 0.29
C ASP F 111 13.42 18.54 0.44
N ILE F 112 14.15 18.76 -0.65
CA ILE F 112 15.60 18.58 -0.61
C ILE F 112 16.24 19.40 0.51
N GLU F 113 15.73 20.63 0.76
CA GLU F 113 16.29 21.49 1.80
C GLU F 113 16.22 20.84 3.19
N GLU F 114 15.18 20.03 3.44
CA GLU F 114 15.11 19.32 4.70
C GLU F 114 16.18 18.23 4.79
N LEU F 115 16.37 17.44 3.72
CA LEU F 115 17.44 16.45 3.73
C LEU F 115 18.79 17.12 3.99
N LEU F 116 19.07 18.21 3.28
CA LEU F 116 20.36 18.86 3.45
C LEU F 116 20.57 19.37 4.87
N ALA F 117 19.51 19.89 5.51
CA ALA F 117 19.68 20.37 6.87
C ALA F 117 19.90 19.22 7.83
N ARG F 118 19.26 18.06 7.56
CA ARG F 118 19.44 16.93 8.44
C ARG F 118 20.82 16.32 8.28
N ILE F 119 21.36 16.34 7.07
CA ILE F 119 22.75 15.90 6.88
C ILE F 119 23.66 16.79 7.69
N ARG F 120 23.47 18.11 7.59
CA ARG F 120 24.31 19.05 8.35
C ARG F 120 24.21 18.76 9.85
N ALA F 121 23.00 18.49 10.37
CA ALA F 121 22.82 18.30 11.80
C ALA F 121 23.54 17.07 12.30
N ILE F 122 23.56 15.99 11.50
CA ILE F 122 24.28 14.78 11.88
C ILE F 122 25.79 15.00 11.77
N LEU F 123 26.25 15.65 10.70
CA LEU F 123 27.69 15.75 10.48
C LEU F 123 28.34 16.76 11.43
N ARG F 124 27.56 17.75 11.93
CA ARG F 124 28.03 18.69 12.96
C ARG F 124 28.70 17.99 14.12
N ARG F 125 28.19 16.81 14.48
CA ARG F 125 28.68 16.06 15.64
C ARG F 125 29.74 15.02 15.28
N GLN F 126 30.19 14.99 14.09
CA GLN F 126 31.29 14.12 13.73
C GLN F 126 32.61 14.89 13.78
N PRO F 127 33.74 14.21 14.05
CA PRO F 127 35.04 14.87 13.87
C PRO F 127 35.42 15.10 12.41
N HIS G 8 -25.42 -5.10 32.27
CA HIS G 8 -24.03 -4.93 31.77
C HIS G 8 -23.97 -3.80 30.70
N THR G 9 -24.63 -4.01 29.56
CA THR G 9 -24.71 -2.98 28.52
C THR G 9 -25.67 -1.85 28.94
N GLN G 10 -25.19 -0.60 28.87
CA GLN G 10 -25.88 0.58 29.38
C GLN G 10 -26.44 1.40 28.24
N ILE G 11 -27.75 1.65 28.28
CA ILE G 11 -28.49 2.35 27.22
C ILE G 11 -29.24 3.53 27.82
N LEU G 12 -29.16 4.70 27.17
CA LEU G 12 -29.98 5.87 27.50
C LEU G 12 -31.01 6.05 26.39
N ILE G 13 -32.26 6.25 26.77
CA ILE G 13 -33.34 6.59 25.85
C ILE G 13 -33.86 7.96 26.21
N VAL G 14 -33.87 8.85 25.23
CA VAL G 14 -34.45 10.18 25.37
C VAL G 14 -35.64 10.23 24.42
N GLU G 15 -36.84 10.20 24.98
CA GLU G 15 -38.08 9.99 24.25
C GLU G 15 -39.22 10.56 25.07
N ASP G 16 -40.01 11.46 24.49
CA ASP G 16 -41.04 12.14 25.29
C ASP G 16 -42.40 11.47 25.22
N GLU G 17 -42.62 10.51 24.32
CA GLU G 17 -43.86 9.77 24.28
C GLU G 17 -43.73 8.61 25.26
N GLN G 18 -44.43 8.69 26.39
CA GLN G 18 -44.07 7.87 27.54
C GLN G 18 -44.47 6.41 27.36
N ASN G 19 -45.56 6.15 26.65
CA ASN G 19 -45.94 4.75 26.37
C ASN G 19 -44.86 4.05 25.58
N LEU G 20 -44.32 4.72 24.57
CA LEU G 20 -43.24 4.15 23.78
C LEU G 20 -41.97 3.98 24.62
N ALA G 21 -41.58 5.03 25.34
CA ALA G 21 -40.41 4.95 26.21
C ALA G 21 -40.52 3.78 27.18
N ARG G 22 -41.69 3.60 27.81
CA ARG G 22 -41.84 2.48 28.73
C ARG G 22 -41.78 1.15 28.00
N PHE G 23 -42.42 1.06 26.82
CA PHE G 23 -42.31 -0.14 25.99
C PHE G 23 -40.85 -0.43 25.64
N LEU G 24 -40.12 0.59 25.18
CA LEU G 24 -38.72 0.39 24.85
C LEU G 24 -37.91 0.06 26.09
N GLU G 25 -38.20 0.73 27.20
CA GLU G 25 -37.47 0.42 28.41
C GLU G 25 -37.61 -1.05 28.79
N LEU G 26 -38.85 -1.56 28.80
CA LEU G 26 -39.07 -2.94 29.21
C LEU G 26 -38.47 -3.92 28.21
N GLU G 27 -38.71 -3.70 26.92
CA GLU G 27 -38.16 -4.59 25.89
C GLU G 27 -36.64 -4.67 25.97
N LEU G 28 -35.96 -3.53 26.13
CA LEU G 28 -34.51 -3.57 26.21
C LEU G 28 -34.02 -4.21 27.51
N THR G 29 -34.75 -4.01 28.61
CA THR G 29 -34.36 -4.64 29.87
C THR G 29 -34.45 -6.15 29.76
N HIS G 30 -35.54 -6.66 29.16
CA HIS G 30 -35.66 -8.09 28.91
C HIS G 30 -34.52 -8.63 28.08
N GLU G 31 -33.93 -7.82 27.20
CA GLU G 31 -32.73 -8.25 26.51
C GLU G 31 -31.49 -8.13 27.37
N ASN G 32 -31.66 -7.83 28.67
CA ASN G 32 -30.56 -7.76 29.62
C ASN G 32 -29.74 -6.49 29.48
N TYR G 33 -30.34 -5.43 28.94
CA TYR G 33 -29.72 -4.10 28.97
C TYR G 33 -30.18 -3.38 30.23
N ASN G 34 -29.28 -2.59 30.80
CA ASN G 34 -29.63 -1.61 31.83
C ASN G 34 -30.00 -0.31 31.12
N VAL G 35 -31.23 0.16 31.36
CA VAL G 35 -31.81 1.26 30.62
C VAL G 35 -32.08 2.42 31.57
N ASP G 36 -31.57 3.61 31.21
CA ASP G 36 -32.02 4.88 31.79
C ASP G 36 -32.85 5.61 30.74
N THR G 37 -33.89 6.31 31.19
CA THR G 37 -34.74 7.06 30.28
C THR G 37 -34.92 8.49 30.78
N GLU G 38 -35.08 9.39 29.83
CA GLU G 38 -35.43 10.77 30.12
C GLU G 38 -36.48 11.21 29.12
N TYR G 39 -37.48 11.92 29.61
CA TYR G 39 -38.55 12.42 28.77
C TYR G 39 -38.34 13.84 28.27
N ASP G 40 -37.30 14.51 28.73
CA ASP G 40 -37.01 15.89 28.36
C ASP G 40 -35.65 15.99 27.69
N GLY G 41 -35.55 16.87 26.69
CA GLY G 41 -34.35 16.94 25.89
C GLY G 41 -33.13 17.43 26.66
N GLN G 42 -33.31 18.44 27.51
CA GLN G 42 -32.17 18.95 28.26
C GLN G 42 -31.76 17.94 29.33
N ASP G 43 -32.74 17.32 29.98
CA ASP G 43 -32.45 16.25 30.92
C ASP G 43 -31.66 15.12 30.23
N GLY G 44 -32.13 14.72 29.05
CA GLY G 44 -31.41 13.69 28.30
C GLY G 44 -29.98 14.08 27.98
N LEU G 45 -29.79 15.30 27.47
CA LEU G 45 -28.44 15.76 27.16
C LEU G 45 -27.58 15.83 28.41
N ASP G 46 -28.11 16.35 29.51
CA ASP G 46 -27.31 16.42 30.73
C ASP G 46 -26.90 15.02 31.20
N LYS G 47 -27.83 14.06 31.14
CA LYS G 47 -27.51 12.67 31.48
C LYS G 47 -26.44 12.08 30.54
N ALA G 48 -26.60 12.27 29.23
CA ALA G 48 -25.65 11.71 28.27
C ALA G 48 -24.23 12.22 28.50
N LEU G 49 -24.11 13.49 28.89
CA LEU G 49 -22.80 14.09 29.06
C LEU G 49 -22.18 13.79 30.41
N SER G 50 -22.97 13.39 31.39
CA SER G 50 -22.46 13.18 32.74
C SER G 50 -22.38 11.70 33.14
N HIS G 51 -22.80 10.77 32.29
CA HIS G 51 -22.84 9.35 32.62
C HIS G 51 -22.36 8.54 31.42
N TYR G 52 -21.94 7.30 31.69
CA TYR G 52 -21.41 6.43 30.65
C TYR G 52 -22.57 5.62 30.06
N TYR G 53 -22.66 5.61 28.72
CA TYR G 53 -23.57 4.70 28.04
C TYR G 53 -22.83 4.00 26.92
N ASP G 54 -23.27 2.78 26.67
CA ASP G 54 -22.83 2.04 25.51
C ASP G 54 -23.55 2.51 24.25
N LEU G 55 -24.77 2.98 24.40
CA LEU G 55 -25.55 3.42 23.24
C LEU G 55 -26.64 4.35 23.73
N ILE G 56 -26.92 5.38 22.93
CA ILE G 56 -27.95 6.35 23.24
C ILE G 56 -29.00 6.34 22.14
N ILE G 57 -30.27 6.22 22.52
CA ILE G 57 -31.40 6.30 21.61
C ILE G 57 -32.04 7.67 21.75
N LEU G 58 -32.11 8.44 20.65
CA LEU G 58 -32.59 9.82 20.67
C LEU G 58 -33.77 9.99 19.74
N ASP G 59 -34.90 10.32 20.31
CA ASP G 59 -35.99 10.95 19.57
C ASP G 59 -35.54 12.34 19.10
N LEU G 60 -36.21 12.88 18.09
CA LEU G 60 -35.86 14.22 17.63
C LEU G 60 -36.76 15.32 18.20
N MET G 61 -38.08 15.17 18.09
CA MET G 61 -39.02 16.19 18.59
C MET G 61 -39.20 15.97 20.09
N LEU G 62 -38.47 16.80 20.85
CA LEU G 62 -38.36 16.74 22.30
C LEU G 62 -38.56 18.12 22.90
N PRO G 63 -39.03 18.18 24.14
CA PRO G 63 -39.09 19.46 24.84
C PRO G 63 -37.70 19.97 25.19
N SER G 64 -37.59 21.30 25.24
CA SER G 64 -36.43 22.04 25.72
C SER G 64 -35.34 22.08 24.67
N ILE G 65 -34.95 20.92 24.15
CA ILE G 65 -33.91 20.87 23.14
C ILE G 65 -34.21 19.67 22.24
N ASN G 66 -34.06 19.86 20.93
CA ASN G 66 -34.41 18.81 19.98
C ASN G 66 -33.24 17.88 19.74
N GLY G 67 -33.57 16.68 19.28
CA GLY G 67 -32.58 15.60 19.24
C GLY G 67 -31.40 15.85 18.31
N LEU G 68 -31.59 16.62 17.24
CA LEU G 68 -30.47 16.91 16.36
C LEU G 68 -29.44 17.74 17.10
N GLU G 69 -29.90 18.63 17.98
CA GLU G 69 -28.98 19.44 18.78
C GLU G 69 -28.31 18.60 19.85
N ILE G 70 -29.09 17.74 20.53
CA ILE G 70 -28.49 16.80 21.48
C ILE G 70 -27.41 15.97 20.79
N CYS G 71 -27.70 15.44 19.59
CA CYS G 71 -26.73 14.61 18.88
C CYS G 71 -25.45 15.38 18.61
N ARG G 72 -25.59 16.59 18.09
CA ARG G 72 -24.41 17.39 17.78
C ARG G 72 -23.60 17.69 19.04
N LYS G 73 -24.27 17.99 20.15
CA LYS G 73 -23.54 18.33 21.38
C LYS G 73 -22.88 17.11 22.00
N ILE G 74 -23.53 15.94 21.96
CA ILE G 74 -22.86 14.72 22.43
C ILE G 74 -21.60 14.47 21.61
N ARG G 75 -21.71 14.58 20.30
CA ARG G 75 -20.59 14.22 19.43
C ARG G 75 -19.38 15.12 19.62
N GLN G 76 -19.58 16.37 20.05
CA GLN G 76 -18.42 17.23 20.30
C GLN G 76 -17.52 16.67 21.38
N GLN G 77 -18.07 15.81 22.23
CA GLN G 77 -17.40 15.32 23.43
C GLN G 77 -17.21 13.82 23.50
N GLN G 78 -18.06 13.02 22.87
CA GLN G 78 -17.94 11.57 22.97
C GLN G 78 -18.16 10.92 21.61
N SER G 79 -17.70 9.67 21.50
CA SER G 79 -17.93 8.84 20.33
C SER G 79 -19.05 7.83 20.57
N THR G 80 -19.78 7.98 21.66
CA THR G 80 -20.86 7.08 22.05
C THR G 80 -21.80 6.82 20.88
N PRO G 81 -22.09 5.56 20.54
CA PRO G 81 -23.08 5.28 19.51
C PRO G 81 -24.42 5.92 19.78
N ILE G 82 -25.06 6.40 18.72
CA ILE G 82 -26.36 7.05 18.78
C ILE G 82 -27.27 6.44 17.71
N ILE G 83 -28.48 6.04 18.09
CA ILE G 83 -29.56 5.71 17.17
C ILE G 83 -30.66 6.74 17.33
N ILE G 84 -30.99 7.44 16.24
CA ILE G 84 -32.16 8.30 16.21
C ILE G 84 -33.39 7.47 15.89
N ILE G 85 -34.46 7.70 16.66
CA ILE G 85 -35.79 7.19 16.33
C ILE G 85 -36.72 8.40 16.20
N THR G 86 -37.51 8.46 15.15
CA THR G 86 -38.30 9.66 14.97
C THR G 86 -39.43 9.40 13.98
N ALA G 87 -40.51 10.14 14.16
CA ALA G 87 -41.55 10.23 13.14
C ALA G 87 -41.11 11.02 11.91
N LYS G 88 -40.00 11.76 11.98
CA LYS G 88 -39.53 12.53 10.84
C LYS G 88 -38.96 11.59 9.79
N SER G 89 -39.53 11.62 8.59
CA SER G 89 -39.24 10.64 7.55
C SER G 89 -38.57 11.16 6.30
N ASP G 90 -38.43 12.48 6.13
CA ASP G 90 -37.84 13.01 4.91
C ASP G 90 -36.35 12.68 4.82
N THR G 91 -35.89 12.50 3.58
CA THR G 91 -34.48 12.15 3.34
C THR G 91 -33.54 13.18 3.94
N TYR G 92 -33.89 14.47 3.81
CA TYR G 92 -33.02 15.52 4.36
C TYR G 92 -32.86 15.38 5.87
N ASP G 93 -33.92 14.96 6.56
CA ASP G 93 -33.82 14.76 8.01
C ASP G 93 -32.95 13.56 8.35
N LYS G 94 -33.08 12.49 7.58
CA LYS G 94 -32.17 11.35 7.77
C LYS G 94 -30.71 11.73 7.56
N VAL G 95 -30.43 12.44 6.45
CA VAL G 95 -29.07 12.85 6.15
C VAL G 95 -28.53 13.74 7.27
N ALA G 96 -29.34 14.68 7.78
CA ALA G 96 -28.81 15.58 8.82
C ALA G 96 -28.49 14.79 10.08
N GLY G 97 -29.37 13.86 10.44
CA GLY G 97 -29.15 13.12 11.68
C GLY G 97 -27.87 12.30 11.61
N LEU G 98 -27.69 11.59 10.49
CA LEU G 98 -26.48 10.80 10.31
C LEU G 98 -25.24 11.68 10.22
N ASP G 99 -25.31 12.77 9.44
CA ASP G 99 -24.15 13.64 9.30
C ASP G 99 -23.78 14.30 10.62
N TYR G 100 -24.78 14.62 11.45
CA TYR G 100 -24.51 15.21 12.76
C TYR G 100 -23.95 14.20 13.76
N GLY G 101 -23.86 12.91 13.39
CA GLY G 101 -23.11 11.95 14.18
C GLY G 101 -23.87 10.70 14.56
N ALA G 102 -25.15 10.62 14.22
CA ALA G 102 -25.91 9.42 14.54
C ALA G 102 -25.38 8.26 13.72
N ASP G 103 -25.40 7.08 14.33
CA ASP G 103 -24.96 5.86 13.66
C ASP G 103 -26.07 5.17 12.92
N ASP G 104 -27.31 5.42 13.30
CA ASP G 104 -28.45 4.90 12.57
C ASP G 104 -29.62 5.83 12.86
N TYR G 105 -30.69 5.64 12.09
CA TYR G 105 -31.85 6.52 12.06
C TYR G 105 -33.02 5.66 11.64
N ILE G 106 -34.01 5.54 12.52
CA ILE G 106 -35.15 4.67 12.33
C ILE G 106 -36.40 5.52 12.37
N VAL G 107 -37.25 5.34 11.35
CA VAL G 107 -38.51 6.05 11.23
C VAL G 107 -39.60 5.28 11.97
N LYS G 108 -40.36 6.00 12.77
CA LYS G 108 -41.54 5.49 13.44
C LYS G 108 -42.74 5.45 12.51
N PRO G 109 -43.61 4.47 12.66
CA PRO G 109 -43.55 3.36 13.61
C PRO G 109 -42.56 2.33 13.16
N PHE G 110 -41.88 1.69 14.10
CA PHE G 110 -40.95 0.61 13.79
C PHE G 110 -41.23 -0.57 14.70
N ASP G 111 -40.87 -1.75 14.20
CA ASP G 111 -40.97 -2.98 14.96
C ASP G 111 -39.81 -3.09 15.94
N ILE G 112 -40.13 -3.47 17.18
CA ILE G 112 -39.10 -3.60 18.19
C ILE G 112 -37.99 -4.53 17.71
N GLU G 113 -38.34 -5.56 16.95
CA GLU G 113 -37.31 -6.49 16.52
C GLU G 113 -36.28 -5.80 15.65
N GLU G 114 -36.69 -4.83 14.85
CA GLU G 114 -35.71 -4.12 14.01
C GLU G 114 -34.79 -3.26 14.87
N LEU G 115 -35.35 -2.52 15.83
CA LEU G 115 -34.49 -1.73 16.72
C LEU G 115 -33.48 -2.62 17.43
N LEU G 116 -33.92 -3.75 17.96
CA LEU G 116 -32.98 -4.60 18.69
C LEU G 116 -31.87 -5.10 17.78
N ALA G 117 -32.19 -5.42 16.53
CA ALA G 117 -31.17 -5.90 15.61
C ALA G 117 -30.18 -4.81 15.26
N ARG G 118 -30.65 -3.57 15.10
CA ARG G 118 -29.77 -2.45 14.81
C ARG G 118 -28.90 -2.07 16.01
N ILE G 119 -29.41 -2.21 17.22
CA ILE G 119 -28.56 -2.06 18.41
C ILE G 119 -27.44 -3.09 18.40
N ARG G 120 -27.78 -4.37 18.18
CA ARG G 120 -26.76 -5.41 18.12
C ARG G 120 -25.72 -5.10 17.06
N ALA G 121 -26.17 -4.64 15.88
CA ALA G 121 -25.25 -4.42 14.78
C ALA G 121 -24.23 -3.33 15.13
N ILE G 122 -24.63 -2.31 15.87
CA ILE G 122 -23.66 -1.28 16.23
C ILE G 122 -22.76 -1.77 17.34
N LEU G 123 -23.31 -2.48 18.32
CA LEU G 123 -22.52 -2.82 19.49
C LEU G 123 -21.54 -3.95 19.21
N ARG G 124 -21.82 -4.78 18.20
CA ARG G 124 -20.86 -5.76 17.69
C ARG G 124 -19.47 -5.18 17.50
N ARG G 125 -19.40 -3.93 17.03
CA ARG G 125 -18.14 -3.27 16.69
C ARG G 125 -17.54 -2.48 17.85
N GLN G 126 -18.22 -2.41 18.96
CA GLN G 126 -17.74 -1.63 20.09
C GLN G 126 -16.98 -2.54 21.06
N PRO G 127 -15.92 -2.04 21.72
CA PRO G 127 -15.35 -2.84 22.80
C PRO G 127 -16.32 -3.06 23.97
N HIS H 8 -7.95 6.58 0.14
CA HIS H 8 -8.57 5.83 -0.99
C HIS H 8 -9.50 4.73 -0.50
N THR H 9 -10.79 4.94 -0.69
CA THR H 9 -11.82 4.04 -0.19
C THR H 9 -12.31 3.18 -1.34
N GLN H 10 -12.30 1.87 -1.13
CA GLN H 10 -12.61 0.90 -2.16
C GLN H 10 -13.94 0.24 -1.78
N ILE H 11 -14.93 0.29 -2.69
CA ILE H 11 -16.25 -0.28 -2.44
C ILE H 11 -16.50 -1.41 -3.44
N LEU H 12 -17.09 -2.49 -2.96
CA LEU H 12 -17.60 -3.52 -3.84
C LEU H 12 -19.12 -3.47 -3.78
N ILE H 13 -19.76 -3.47 -4.96
CA ILE H 13 -21.22 -3.55 -5.09
C ILE H 13 -21.54 -4.90 -5.72
N VAL H 14 -22.38 -5.69 -5.06
CA VAL H 14 -22.88 -6.93 -5.65
C VAL H 14 -24.38 -6.75 -5.85
N GLU H 15 -24.78 -6.65 -7.13
CA GLU H 15 -26.13 -6.22 -7.47
C GLU H 15 -26.40 -6.74 -8.87
N ASP H 16 -27.54 -7.43 -9.06
CA ASP H 16 -27.81 -8.02 -10.38
C ASP H 16 -28.66 -7.13 -11.27
N GLU H 17 -29.25 -6.06 -10.72
CA GLU H 17 -29.91 -5.05 -11.56
C GLU H 17 -28.82 -4.10 -12.04
N GLN H 18 -28.32 -4.36 -13.25
CA GLN H 18 -27.12 -3.67 -13.71
C GLN H 18 -27.33 -2.18 -13.88
N ASN H 19 -28.56 -1.74 -14.18
CA ASN H 19 -28.77 -0.31 -14.31
C ASN H 19 -28.60 0.38 -12.97
N LEU H 20 -29.07 -0.25 -11.90
CA LEU H 20 -28.86 0.32 -10.57
C LEU H 20 -27.39 0.27 -10.19
N ALA H 21 -26.74 -0.85 -10.48
CA ALA H 21 -25.32 -0.98 -10.16
C ALA H 21 -24.52 0.12 -10.85
N ARG H 22 -24.80 0.34 -12.15
CA ARG H 22 -24.09 1.41 -12.85
C ARG H 22 -24.42 2.78 -12.25
N PHE H 23 -25.69 3.03 -11.90
CA PHE H 23 -26.04 4.32 -11.32
C PHE H 23 -25.28 4.52 -10.02
N LEU H 24 -25.25 3.50 -9.16
CA LEU H 24 -24.53 3.62 -7.90
C LEU H 24 -23.04 3.82 -8.13
N GLU H 25 -22.47 3.11 -9.10
CA GLU H 25 -21.06 3.30 -9.41
C GLU H 25 -20.77 4.75 -9.79
N LEU H 26 -21.60 5.35 -10.64
CA LEU H 26 -21.42 6.75 -11.05
C LEU H 26 -21.53 7.68 -9.85
N GLU H 27 -22.54 7.48 -9.01
CA GLU H 27 -22.72 8.40 -7.88
C GLU H 27 -21.60 8.26 -6.86
N LEU H 28 -21.15 7.03 -6.60
CA LEU H 28 -20.10 6.81 -5.63
C LEU H 28 -18.75 7.31 -6.15
N THR H 29 -18.49 7.18 -7.44
CA THR H 29 -17.23 7.72 -7.94
C THR H 29 -17.23 9.25 -7.87
N HIS H 30 -18.39 9.89 -8.03
CA HIS H 30 -18.46 11.33 -7.86
C HIS H 30 -18.13 11.74 -6.43
N GLU H 31 -18.32 10.86 -5.45
CA GLU H 31 -17.94 11.10 -4.06
C GLU H 31 -16.50 10.69 -3.79
N ASN H 32 -15.74 10.39 -4.85
CA ASN H 32 -14.31 10.03 -4.81
C ASN H 32 -14.08 8.67 -4.15
N TYR H 33 -15.02 7.76 -4.28
CA TYR H 33 -14.80 6.36 -3.96
C TYR H 33 -14.37 5.60 -5.22
N ASN H 34 -13.64 4.51 -5.01
CA ASN H 34 -13.29 3.57 -6.05
C ASN H 34 -14.27 2.41 -5.93
N VAL H 35 -14.83 2.00 -7.06
CA VAL H 35 -15.94 1.05 -7.05
C VAL H 35 -15.62 -0.11 -7.97
N ASP H 36 -15.80 -1.32 -7.46
CA ASP H 36 -15.88 -2.55 -8.22
C ASP H 36 -17.33 -3.05 -8.13
N THR H 37 -17.79 -3.71 -9.18
CA THR H 37 -19.15 -4.24 -9.25
C THR H 37 -19.12 -5.68 -9.72
N GLU H 38 -20.03 -6.47 -9.17
CA GLU H 38 -20.29 -7.83 -9.64
C GLU H 38 -21.79 -8.03 -9.71
N TYR H 39 -22.24 -8.72 -10.74
CA TYR H 39 -23.66 -8.93 -10.97
C TYR H 39 -24.12 -10.31 -10.54
N ASP H 40 -23.20 -11.18 -10.17
CA ASP H 40 -23.52 -12.56 -9.81
C ASP H 40 -23.05 -12.79 -8.39
N GLY H 41 -23.90 -13.45 -7.60
CA GLY H 41 -23.60 -13.66 -6.18
C GLY H 41 -22.32 -14.43 -5.93
N GLN H 42 -22.07 -15.50 -6.70
CA GLN H 42 -20.84 -16.25 -6.47
C GLN H 42 -19.62 -15.43 -6.85
N ASP H 43 -19.69 -14.70 -7.98
CA ASP H 43 -18.59 -13.84 -8.38
C ASP H 43 -18.33 -12.76 -7.33
N GLY H 44 -19.41 -12.23 -6.74
CA GLY H 44 -19.26 -11.19 -5.74
C GLY H 44 -18.63 -11.72 -4.47
N LEU H 45 -19.07 -12.90 -4.01
CA LEU H 45 -18.47 -13.49 -2.83
C LEU H 45 -17.01 -13.81 -3.07
N ASP H 46 -16.70 -14.36 -4.25
CA ASP H 46 -15.31 -14.69 -4.56
C ASP H 46 -14.44 -13.44 -4.51
N LYS H 47 -14.94 -12.35 -5.09
CA LYS H 47 -14.20 -11.08 -5.05
C LYS H 47 -13.99 -10.57 -3.63
N ALA H 48 -15.04 -10.63 -2.78
CA ALA H 48 -14.94 -10.13 -1.42
C ALA H 48 -13.96 -10.94 -0.59
N LEU H 49 -13.88 -12.25 -0.82
CA LEU H 49 -13.01 -13.11 -0.04
C LEU H 49 -11.57 -13.09 -0.52
N SER H 50 -11.31 -12.49 -1.67
CA SER H 50 -9.98 -12.45 -2.21
C SER H 50 -9.31 -11.08 -2.09
N HIS H 51 -10.04 -10.07 -1.61
CA HIS H 51 -9.56 -8.70 -1.54
C HIS H 51 -10.31 -8.00 -0.42
N TYR H 52 -9.57 -7.26 0.42
CA TYR H 52 -10.17 -6.49 1.52
C TYR H 52 -10.68 -5.16 0.97
N TYR H 53 -11.99 -5.04 0.89
CA TYR H 53 -12.65 -3.80 0.55
C TYR H 53 -12.85 -2.97 1.81
N ASP H 54 -13.08 -1.68 1.61
CA ASP H 54 -13.44 -0.81 2.72
C ASP H 54 -14.94 -0.86 3.04
N LEU H 55 -15.78 -1.22 2.07
CA LEU H 55 -17.21 -1.39 2.32
C LEU H 55 -17.76 -2.23 1.18
N ILE H 56 -18.74 -3.08 1.51
CA ILE H 56 -19.41 -3.93 0.54
C ILE H 56 -20.90 -3.59 0.58
N ILE H 57 -21.44 -3.24 -0.57
CA ILE H 57 -22.87 -3.05 -0.75
C ILE H 57 -23.45 -4.32 -1.37
N LEU H 58 -24.39 -4.96 -0.68
CA LEU H 58 -24.93 -6.26 -1.06
C LEU H 58 -26.43 -6.17 -1.29
N ASP H 59 -26.83 -6.49 -2.52
CA ASP H 59 -28.20 -6.89 -2.82
C ASP H 59 -28.42 -8.29 -2.25
N LEU H 60 -29.68 -8.67 -2.05
CA LEU H 60 -29.97 -10.01 -1.53
C LEU H 60 -30.39 -10.97 -2.62
N MET H 61 -31.39 -10.64 -3.43
CA MET H 61 -31.82 -11.59 -4.47
CA MET H 61 -31.82 -11.59 -4.47
C MET H 61 -30.88 -11.47 -5.66
N LEU H 62 -29.97 -12.42 -5.76
CA LEU H 62 -28.87 -12.50 -6.71
C LEU H 62 -28.82 -13.88 -7.33
N PRO H 63 -28.30 -13.97 -8.55
CA PRO H 63 -28.02 -15.29 -9.12
C PRO H 63 -26.94 -16.01 -8.33
N SER H 64 -27.03 -17.35 -8.35
CA SER H 64 -26.03 -18.28 -7.82
C SER H 64 -26.06 -18.37 -6.29
N ILE H 65 -25.84 -17.26 -5.59
CA ILE H 65 -25.70 -17.23 -4.15
C ILE H 65 -26.45 -16.01 -3.63
N ASN H 66 -27.30 -16.20 -2.63
CA ASN H 66 -28.06 -15.09 -2.06
C ASN H 66 -27.18 -14.18 -1.22
N GLY H 67 -27.51 -12.88 -1.24
CA GLY H 67 -26.73 -11.92 -0.50
C GLY H 67 -26.66 -12.19 1.00
N LEU H 68 -27.70 -12.82 1.57
CA LEU H 68 -27.61 -13.14 2.99
C LEU H 68 -26.49 -14.13 3.25
N GLU H 69 -26.34 -15.13 2.36
CA GLU H 69 -25.21 -16.06 2.49
C GLU H 69 -23.88 -15.33 2.28
N ILE H 70 -23.80 -14.44 1.29
CA ILE H 70 -22.58 -13.66 1.09
C ILE H 70 -22.24 -12.88 2.36
N CYS H 71 -23.23 -12.22 2.94
CA CYS H 71 -23.01 -11.43 4.15
C CYS H 71 -22.43 -12.29 5.27
N ARG H 72 -23.06 -13.44 5.49
CA ARG H 72 -22.63 -14.38 6.53
C ARG H 72 -21.18 -14.78 6.30
N LYS H 73 -20.83 -15.10 5.07
CA LYS H 73 -19.49 -15.62 4.79
C LYS H 73 -18.42 -14.54 4.85
N ILE H 74 -18.74 -13.31 4.46
CA ILE H 74 -17.78 -12.24 4.65
C ILE H 74 -17.57 -11.98 6.14
N ARG H 75 -18.65 -11.87 6.90
CA ARG H 75 -18.48 -11.50 8.29
C ARG H 75 -17.81 -12.61 9.08
N GLN H 76 -17.93 -13.84 8.62
CA GLN H 76 -17.25 -14.94 9.30
C GLN H 76 -15.74 -14.73 9.32
N GLN H 77 -15.18 -14.05 8.32
CA GLN H 77 -13.73 -13.95 8.20
C GLN H 77 -13.18 -12.53 8.14
N GLN H 78 -14.04 -11.51 8.24
CA GLN H 78 -13.62 -10.13 7.97
C GLN H 78 -14.43 -9.17 8.84
N SER H 79 -13.84 -8.01 9.11
CA SER H 79 -14.51 -6.91 9.78
C SER H 79 -15.14 -5.94 8.79
N THR H 80 -15.01 -6.22 7.49
CA THR H 80 -15.40 -5.31 6.42
C THR H 80 -16.82 -4.80 6.62
N PRO H 81 -17.04 -3.48 6.59
CA PRO H 81 -18.41 -2.95 6.62
C PRO H 81 -19.27 -3.47 5.47
N ILE H 82 -20.51 -3.76 5.78
CA ILE H 82 -21.48 -4.28 4.83
C ILE H 82 -22.76 -3.47 4.95
N ILE H 83 -23.30 -3.01 3.82
CA ILE H 83 -24.63 -2.42 3.77
C ILE H 83 -25.44 -3.27 2.82
N ILE H 84 -26.60 -3.75 3.26
CA ILE H 84 -27.52 -4.46 2.39
C ILE H 84 -28.46 -3.44 1.75
N ILE H 85 -28.69 -3.60 0.47
CA ILE H 85 -29.74 -2.88 -0.26
C ILE H 85 -30.66 -3.92 -0.88
N THR H 86 -31.97 -3.72 -0.72
CA THR H 86 -32.86 -4.79 -1.18
C THR H 86 -34.31 -4.32 -1.23
N ALA H 87 -35.05 -4.97 -2.13
CA ALA H 87 -36.50 -4.84 -2.15
C ALA H 87 -37.18 -5.53 -0.97
N LYS H 88 -36.47 -6.43 -0.25
CA LYS H 88 -37.07 -7.18 0.85
C LYS H 88 -37.24 -6.27 2.05
N SER H 89 -38.48 -5.82 2.28
CA SER H 89 -38.75 -4.84 3.32
C SER H 89 -39.30 -5.42 4.61
N ASP H 90 -39.56 -6.73 4.68
CA ASP H 90 -40.12 -7.26 5.91
C ASP H 90 -39.13 -7.16 7.08
N THR H 91 -39.67 -6.93 8.28
CA THR H 91 -38.81 -6.94 9.46
C THR H 91 -38.04 -8.26 9.58
N TYR H 92 -38.66 -9.38 9.23
CA TYR H 92 -37.98 -10.67 9.35
C TYR H 92 -36.66 -10.66 8.57
N ASP H 93 -36.68 -10.07 7.38
CA ASP H 93 -35.52 -10.05 6.51
C ASP H 93 -34.51 -9.00 6.94
N LYS H 94 -34.98 -7.86 7.44
CA LYS H 94 -34.06 -6.87 8.00
C LYS H 94 -33.26 -7.46 9.14
N VAL H 95 -33.96 -8.09 10.08
CA VAL H 95 -33.33 -8.73 11.22
C VAL H 95 -32.36 -9.82 10.75
N ALA H 96 -32.76 -10.63 9.79
CA ALA H 96 -31.86 -11.67 9.31
C ALA H 96 -30.56 -11.07 8.79
N GLY H 97 -30.65 -10.05 7.94
CA GLY H 97 -29.44 -9.46 7.36
C GLY H 97 -28.54 -8.78 8.40
N LEU H 98 -29.13 -8.01 9.32
CA LEU H 98 -28.36 -7.37 10.38
C LEU H 98 -27.69 -8.43 11.26
N ASP H 99 -28.44 -9.44 11.65
CA ASP H 99 -27.90 -10.51 12.49
C ASP H 99 -26.77 -11.29 11.80
N TYR H 100 -26.82 -11.41 10.46
CA TYR H 100 -25.77 -12.10 9.72
C TYR H 100 -24.53 -11.27 9.54
N GLY H 101 -24.51 -10.03 10.01
CA GLY H 101 -23.32 -9.22 9.93
C GLY H 101 -23.43 -7.85 9.31
N ALA H 102 -24.55 -7.57 8.65
CA ALA H 102 -24.66 -6.27 7.99
C ALA H 102 -24.67 -5.16 9.02
N ASP H 103 -24.05 -4.04 8.65
CA ASP H 103 -24.03 -2.84 9.45
C ASP H 103 -25.24 -1.98 9.20
N ASP H 104 -25.84 -2.11 8.03
CA ASP H 104 -27.06 -1.38 7.72
C ASP H 104 -27.81 -2.15 6.66
N TYR H 105 -29.04 -1.72 6.40
CA TYR H 105 -30.01 -2.46 5.59
C TYR H 105 -30.95 -1.39 5.09
N ILE H 106 -30.95 -1.17 3.80
CA ILE H 106 -31.70 -0.09 3.16
C ILE H 106 -32.67 -0.72 2.17
N VAL H 107 -33.95 -0.38 2.29
CA VAL H 107 -35.00 -0.87 1.41
C VAL H 107 -35.05 -0.04 0.12
N LYS H 108 -35.15 -0.72 -1.00
CA LYS H 108 -35.35 -0.10 -2.30
C LYS H 108 -36.82 0.22 -2.48
N PRO H 109 -37.13 1.35 -3.12
CA PRO H 109 -36.21 2.37 -3.61
C PRO H 109 -35.75 3.30 -2.51
N PHE H 110 -34.51 3.79 -2.63
CA PHE H 110 -33.98 4.79 -1.71
C PHE H 110 -33.37 5.93 -2.49
N ASP H 111 -33.26 7.06 -1.79
CA ASP H 111 -32.60 8.23 -2.33
C ASP H 111 -31.09 8.08 -2.19
N ILE H 112 -30.36 8.44 -3.24
CA ILE H 112 -28.91 8.27 -3.20
C ILE H 112 -28.30 9.01 -2.02
N GLU H 113 -28.85 10.17 -1.64
CA GLU H 113 -28.28 10.94 -0.55
C GLU H 113 -28.35 10.18 0.76
N GLU H 114 -29.38 9.36 0.95
CA GLU H 114 -29.46 8.55 2.17
C GLU H 114 -28.39 7.47 2.17
N LEU H 115 -28.19 6.79 1.02
CA LEU H 115 -27.11 5.80 0.97
C LEU H 115 -25.78 6.44 1.27
N LEU H 116 -25.52 7.60 0.66
CA LEU H 116 -24.24 8.25 0.88
C LEU H 116 -24.03 8.61 2.35
N ALA H 117 -25.06 9.08 3.03
CA ALA H 117 -24.95 9.46 4.44
C ALA H 117 -24.74 8.24 5.32
N ARG H 118 -25.34 7.10 4.95
CA ARG H 118 -25.16 5.88 5.72
C ARG H 118 -23.79 5.27 5.50
N ILE H 119 -23.24 5.41 4.29
CA ILE H 119 -21.86 5.05 4.05
C ILE H 119 -20.94 5.88 4.93
N ARG H 120 -21.11 7.21 4.94
CA ARG H 120 -20.26 8.02 5.80
C ARG H 120 -20.37 7.62 7.27
N ALA H 121 -21.58 7.32 7.74
CA ALA H 121 -21.76 7.00 9.14
C ALA H 121 -20.98 5.76 9.53
N ILE H 122 -20.92 4.76 8.64
CA ILE H 122 -20.21 3.53 9.02
C ILE H 122 -18.70 3.72 8.92
N LEU H 123 -18.26 4.38 7.85
CA LEU H 123 -16.83 4.53 7.59
C LEU H 123 -16.16 5.48 8.57
N ARG H 124 -16.93 6.43 9.13
CA ARG H 124 -16.45 7.32 10.21
C ARG H 124 -15.76 6.57 11.33
N ARG H 125 -16.30 5.41 11.69
CA ARG H 125 -15.83 4.65 12.82
C ARG H 125 -14.75 3.63 12.48
N GLN H 126 -14.28 3.60 11.23
CA GLN H 126 -13.20 2.72 10.83
C GLN H 126 -11.87 3.46 10.93
N PRO H 127 -10.77 2.78 11.31
CA PRO H 127 -9.46 3.41 11.50
C PRO H 127 -8.96 4.22 10.31
#